data_2EM0
#
_entry.id   2EM0
#
loop_
_entity.id
_entity.type
_entity.pdbx_description
1 polymer 'Zinc finger protein 224'
2 non-polymer 'ZINC ION'
#
_entity_poly.entity_id   1
_entity_poly.type   'polypeptide(L)'
_entity_poly.pdbx_seq_one_letter_code
;GSSGSSGMGEKTWKCRECDMCFSQASSLRLHQNVHVGEKPSGPSSG
;
_entity_poly.pdbx_strand_id   A
#
# COMPACT_ATOMS: atom_id res chain seq x y z
N GLY A 1 23.35 -20.78 4.23
CA GLY A 1 23.19 -19.47 4.84
C GLY A 1 21.91 -18.78 4.42
N SER A 2 20.87 -18.94 5.23
CA SER A 2 19.58 -18.33 4.94
C SER A 2 19.49 -16.91 5.51
N SER A 3 20.10 -15.96 4.82
CA SER A 3 20.09 -14.57 5.26
C SER A 3 19.21 -13.72 4.35
N GLY A 4 18.91 -12.51 4.81
CA GLY A 4 18.08 -11.61 4.03
C GLY A 4 18.88 -10.47 3.41
N SER A 5 18.49 -9.24 3.74
CA SER A 5 19.17 -8.07 3.21
C SER A 5 20.53 -7.87 3.89
N SER A 6 21.59 -8.26 3.20
CA SER A 6 22.94 -8.13 3.74
C SER A 6 23.49 -6.74 3.49
N GLY A 7 23.09 -6.13 2.37
CA GLY A 7 23.54 -4.80 2.03
C GLY A 7 22.51 -3.74 2.35
N MET A 8 22.21 -2.90 1.36
CA MET A 8 21.23 -1.83 1.53
C MET A 8 19.82 -2.41 1.70
N GLY A 9 18.93 -1.61 2.28
CA GLY A 9 17.57 -2.06 2.49
C GLY A 9 16.77 -2.11 1.21
N GLU A 10 15.59 -1.49 1.22
CA GLU A 10 14.72 -1.47 0.06
C GLU A 10 13.50 -0.60 0.30
N LYS A 11 13.27 0.36 -0.60
CA LYS A 11 12.13 1.26 -0.48
C LYS A 11 10.99 0.83 -1.41
N THR A 12 10.16 -0.07 -0.91
CA THR A 12 9.03 -0.57 -1.69
C THR A 12 7.75 -0.59 -0.87
N TRP A 13 6.93 0.43 -1.04
CA TRP A 13 5.67 0.54 -0.31
C TRP A 13 4.48 0.23 -1.22
N LYS A 14 4.25 -1.06 -1.48
CA LYS A 14 3.14 -1.48 -2.32
C LYS A 14 1.84 -1.52 -1.54
N CYS A 15 0.73 -1.40 -2.25
CA CYS A 15 -0.59 -1.43 -1.63
C CYS A 15 -0.97 -2.85 -1.22
N ARG A 16 -2.17 -3.00 -0.66
CA ARG A 16 -2.66 -4.30 -0.23
C ARG A 16 -3.50 -4.95 -1.31
N GLU A 17 -4.62 -4.31 -1.65
CA GLU A 17 -5.52 -4.84 -2.68
C GLU A 17 -4.92 -4.65 -4.07
N CYS A 18 -4.83 -3.40 -4.51
CA CYS A 18 -4.27 -3.10 -5.83
C CYS A 18 -2.78 -3.39 -5.88
N ASP A 19 -2.16 -3.47 -4.69
CA ASP A 19 -0.74 -3.75 -4.60
C ASP A 19 0.06 -2.84 -5.54
N MET A 20 -0.21 -1.54 -5.47
CA MET A 20 0.47 -0.57 -6.31
C MET A 20 1.73 -0.05 -5.63
N CYS A 21 2.85 -0.09 -6.32
CA CYS A 21 4.13 0.38 -5.78
C CYS A 21 4.11 1.89 -5.62
N PHE A 22 4.57 2.36 -4.47
CA PHE A 22 4.62 3.79 -4.18
C PHE A 22 5.96 4.19 -3.59
N SER A 23 6.86 4.68 -4.44
CA SER A 23 8.19 5.10 -4.00
C SER A 23 8.13 5.69 -2.60
N GLN A 24 7.11 6.49 -2.34
CA GLN A 24 6.95 7.11 -1.03
C GLN A 24 5.94 6.35 -0.18
N ALA A 25 6.36 5.95 1.02
CA ALA A 25 5.48 5.22 1.92
C ALA A 25 4.27 6.06 2.33
N SER A 26 4.52 7.33 2.64
CA SER A 26 3.44 8.23 3.04
C SER A 26 2.36 8.31 1.97
N SER A 27 2.77 8.67 0.75
CA SER A 27 1.82 8.78 -0.36
C SER A 27 0.85 7.60 -0.38
N LEU A 28 1.39 6.41 -0.17
CA LEU A 28 0.57 5.20 -0.15
C LEU A 28 -0.43 5.23 1.00
N ARG A 29 0.05 5.59 2.19
CA ARG A 29 -0.81 5.67 3.36
C ARG A 29 -2.12 6.37 3.04
N LEU A 30 -2.03 7.47 2.31
CA LEU A 30 -3.22 8.24 1.94
C LEU A 30 -3.96 7.56 0.79
N HIS A 31 -3.21 7.05 -0.17
CA HIS A 31 -3.80 6.36 -1.31
C HIS A 31 -4.76 5.26 -0.86
N GLN A 32 -4.29 4.42 0.06
CA GLN A 32 -5.10 3.32 0.58
C GLN A 32 -6.56 3.75 0.72
N ASN A 33 -6.77 5.04 0.95
CA ASN A 33 -8.12 5.58 1.11
C ASN A 33 -9.02 5.16 -0.05
N VAL A 34 -8.52 5.34 -1.27
CA VAL A 34 -9.27 4.98 -2.47
C VAL A 34 -10.01 3.67 -2.29
N HIS A 35 -9.48 2.81 -1.42
CA HIS A 35 -10.10 1.52 -1.14
C HIS A 35 -11.11 1.63 -0.01
N VAL A 36 -11.78 2.78 0.07
CA VAL A 36 -12.78 3.02 1.11
C VAL A 36 -14.04 3.64 0.53
N GLY A 37 -14.87 2.81 -0.10
CA GLY A 37 -16.10 3.31 -0.68
C GLY A 37 -16.65 2.38 -1.75
N GLU A 38 -16.48 2.77 -3.01
CA GLU A 38 -16.96 1.97 -4.13
C GLU A 38 -15.91 0.94 -4.56
N LYS A 39 -16.37 -0.25 -4.91
CA LYS A 39 -15.48 -1.32 -5.33
C LYS A 39 -14.15 -1.26 -4.57
N PRO A 40 -14.24 -1.23 -3.23
CA PRO A 40 -13.06 -1.17 -2.37
C PRO A 40 -12.26 -2.47 -2.38
N SER A 41 -12.79 -3.48 -3.07
CA SER A 41 -12.14 -4.78 -3.16
C SER A 41 -12.19 -5.50 -1.82
N GLY A 42 -13.31 -5.36 -1.12
CA GLY A 42 -13.46 -6.01 0.17
C GLY A 42 -14.11 -7.38 0.05
N PRO A 43 -15.40 -7.40 -0.27
CA PRO A 43 -16.16 -8.65 -0.42
C PRO A 43 -15.75 -9.44 -1.65
N SER A 44 -15.50 -10.72 -1.46
CA SER A 44 -15.09 -11.60 -2.56
C SER A 44 -16.10 -11.54 -3.70
N SER A 45 -15.63 -11.15 -4.88
CA SER A 45 -16.49 -11.05 -6.05
C SER A 45 -15.69 -10.71 -7.30
N GLY A 46 -16.33 -10.79 -8.46
CA GLY A 46 -15.66 -10.50 -9.71
C GLY A 46 -15.25 -11.75 -10.46
N GLY A 1 29.45 -19.81 7.13
CA GLY A 1 28.09 -19.34 7.29
C GLY A 1 28.01 -17.85 7.53
N SER A 2 27.65 -17.10 6.48
CA SER A 2 27.55 -15.65 6.59
C SER A 2 26.38 -15.13 5.76
N SER A 3 26.04 -13.86 5.95
CA SER A 3 24.95 -13.25 5.22
C SER A 3 25.26 -13.16 3.73
N GLY A 4 24.22 -13.11 2.91
CA GLY A 4 24.40 -13.03 1.48
C GLY A 4 23.98 -11.69 0.91
N SER A 5 22.86 -11.66 0.21
CA SER A 5 22.35 -10.44 -0.40
C SER A 5 22.39 -9.29 0.60
N SER A 6 23.07 -8.21 0.23
CA SER A 6 23.18 -7.04 1.09
C SER A 6 22.06 -6.05 0.81
N GLY A 7 20.84 -6.56 0.64
CA GLY A 7 19.71 -5.71 0.36
C GLY A 7 18.98 -5.29 1.63
N MET A 8 19.28 -4.09 2.11
CA MET A 8 18.65 -3.57 3.32
C MET A 8 17.96 -2.23 3.05
N GLY A 9 16.99 -1.89 3.89
CA GLY A 9 16.28 -0.63 3.72
C GLY A 9 15.74 -0.46 2.32
N GLU A 10 15.14 -1.51 1.76
CA GLU A 10 14.59 -1.47 0.42
C GLU A 10 13.36 -0.56 0.37
N LYS A 11 13.51 0.60 -0.25
CA LYS A 11 12.42 1.56 -0.37
C LYS A 11 11.34 1.05 -1.32
N THR A 12 10.33 0.39 -0.77
CA THR A 12 9.24 -0.16 -1.56
C THR A 12 7.94 -0.20 -0.77
N TRP A 13 7.00 0.66 -1.13
CA TRP A 13 5.71 0.72 -0.45
C TRP A 13 4.59 0.23 -1.36
N LYS A 14 4.35 -1.07 -1.37
CA LYS A 14 3.30 -1.66 -2.19
C LYS A 14 1.96 -1.66 -1.47
N CYS A 15 0.88 -1.63 -2.22
CA CYS A 15 -0.46 -1.63 -1.65
C CYS A 15 -0.91 -3.05 -1.31
N ARG A 16 -2.12 -3.18 -0.77
CA ARG A 16 -2.66 -4.48 -0.40
C ARG A 16 -3.67 -4.95 -1.44
N GLU A 17 -4.65 -4.11 -1.74
CA GLU A 17 -5.68 -4.45 -2.72
C GLU A 17 -5.11 -4.39 -4.15
N CYS A 18 -4.89 -3.18 -4.64
CA CYS A 18 -4.36 -3.00 -5.98
C CYS A 18 -2.89 -3.42 -6.05
N ASP A 19 -2.30 -3.65 -4.89
CA ASP A 19 -0.90 -4.07 -4.81
C ASP A 19 -0.03 -3.20 -5.71
N MET A 20 -0.22 -1.88 -5.63
CA MET A 20 0.55 -0.95 -6.45
C MET A 20 1.76 -0.45 -5.68
N CYS A 21 2.87 -0.27 -6.40
CA CYS A 21 4.11 0.21 -5.79
C CYS A 21 4.13 1.73 -5.73
N PHE A 22 4.64 2.27 -4.62
CA PHE A 22 4.72 3.71 -4.44
C PHE A 22 6.06 4.11 -3.85
N SER A 23 6.69 5.11 -4.46
CA SER A 23 7.99 5.59 -4.01
C SER A 23 7.83 6.60 -2.88
N GLN A 24 6.84 6.37 -2.02
CA GLN A 24 6.58 7.27 -0.89
C GLN A 24 5.65 6.61 0.12
N ALA A 25 6.20 6.20 1.25
CA ALA A 25 5.42 5.55 2.29
C ALA A 25 4.13 6.32 2.56
N SER A 26 4.25 7.62 2.81
CA SER A 26 3.09 8.46 3.08
C SER A 26 2.11 8.43 1.91
N SER A 27 2.65 8.51 0.70
CA SER A 27 1.82 8.49 -0.51
C SER A 27 0.94 7.26 -0.54
N LEU A 28 1.49 6.11 -0.17
CA LEU A 28 0.76 4.86 -0.15
C LEU A 28 -0.30 4.87 0.95
N ARG A 29 0.09 5.29 2.14
CA ARG A 29 -0.82 5.35 3.27
C ARG A 29 -2.09 6.13 2.91
N LEU A 30 -1.91 7.30 2.32
CA LEU A 30 -3.03 8.13 1.92
C LEU A 30 -3.81 7.49 0.78
N HIS A 31 -3.09 7.04 -0.25
CA HIS A 31 -3.71 6.41 -1.40
C HIS A 31 -4.75 5.38 -0.96
N GLN A 32 -4.34 4.47 -0.08
CA GLN A 32 -5.24 3.44 0.42
C GLN A 32 -6.63 4.00 0.71
N ASN A 33 -6.68 5.29 1.04
CA ASN A 33 -7.94 5.97 1.35
C ASN A 33 -8.98 5.66 0.27
N VAL A 34 -8.56 5.72 -0.99
CA VAL A 34 -9.45 5.45 -2.11
C VAL A 34 -10.10 4.08 -1.98
N HIS A 35 -9.33 3.12 -1.47
CA HIS A 35 -9.83 1.76 -1.30
C HIS A 35 -10.91 1.71 -0.23
N VAL A 36 -10.64 2.34 0.92
CA VAL A 36 -11.59 2.38 2.02
C VAL A 36 -12.51 3.58 1.92
N GLY A 37 -12.73 4.06 0.70
CA GLY A 37 -13.59 5.20 0.48
C GLY A 37 -14.41 5.10 -0.79
N GLU A 38 -15.71 5.31 -0.67
CA GLU A 38 -16.59 5.24 -1.83
C GLU A 38 -17.96 5.84 -1.51
N LYS A 39 -18.38 6.80 -2.32
CA LYS A 39 -19.67 7.47 -2.12
C LYS A 39 -20.28 7.87 -3.46
N PRO A 40 -21.62 7.77 -3.55
CA PRO A 40 -22.34 8.14 -4.77
C PRO A 40 -22.34 9.64 -5.03
N SER A 41 -23.13 10.08 -6.01
CA SER A 41 -23.22 11.49 -6.35
C SER A 41 -24.54 12.09 -5.89
N GLY A 42 -24.46 13.22 -5.20
CA GLY A 42 -25.66 13.88 -4.70
C GLY A 42 -25.53 14.30 -3.25
N PRO A 43 -25.30 13.32 -2.36
CA PRO A 43 -25.16 13.57 -0.93
C PRO A 43 -23.86 14.31 -0.59
N SER A 44 -23.10 14.66 -1.63
CA SER A 44 -21.83 15.35 -1.45
C SER A 44 -21.92 16.32 -0.27
N SER A 45 -21.05 16.11 0.73
CA SER A 45 -21.02 16.95 1.91
C SER A 45 -20.41 18.32 1.59
N GLY A 46 -19.28 18.31 0.91
CA GLY A 46 -18.61 19.55 0.56
C GLY A 46 -19.59 20.66 0.26
N GLY A 1 31.19 -11.91 23.83
CA GLY A 1 30.70 -12.08 22.47
C GLY A 1 30.63 -10.78 21.72
N SER A 2 29.62 -10.63 20.86
CA SER A 2 29.44 -9.43 20.07
C SER A 2 28.08 -9.41 19.38
N SER A 3 27.45 -8.24 19.35
CA SER A 3 26.14 -8.10 18.74
C SER A 3 25.95 -6.68 18.18
N GLY A 4 25.15 -6.57 17.13
CA GLY A 4 24.90 -5.27 16.54
C GLY A 4 24.79 -5.35 15.02
N SER A 5 23.57 -5.59 14.53
CA SER A 5 23.33 -5.69 13.10
C SER A 5 22.87 -4.35 12.53
N SER A 6 23.65 -3.82 11.59
CA SER A 6 23.33 -2.54 10.97
C SER A 6 23.21 -2.69 9.45
N GLY A 7 22.01 -2.44 8.94
CA GLY A 7 21.79 -2.55 7.50
C GLY A 7 20.86 -1.48 6.97
N MET A 8 19.91 -1.87 6.13
CA MET A 8 18.96 -0.94 5.56
C MET A 8 17.68 -1.67 5.12
N GLY A 9 16.54 -1.05 5.40
CA GLY A 9 15.27 -1.65 5.03
C GLY A 9 15.08 -1.74 3.53
N GLU A 10 13.90 -1.35 3.06
CA GLU A 10 13.60 -1.40 1.63
C GLU A 10 12.59 -0.31 1.26
N LYS A 11 12.96 0.54 0.32
CA LYS A 11 12.09 1.62 -0.13
C LYS A 11 11.04 1.10 -1.10
N THR A 12 10.23 0.15 -0.64
CA THR A 12 9.18 -0.43 -1.45
C THR A 12 7.87 -0.56 -0.67
N TRP A 13 6.94 0.34 -0.94
CA TRP A 13 5.65 0.34 -0.27
C TRP A 13 4.53 -0.04 -1.23
N LYS A 14 4.32 -1.34 -1.41
CA LYS A 14 3.28 -1.83 -2.29
C LYS A 14 1.93 -1.91 -1.58
N CYS A 15 0.85 -1.87 -2.34
CA CYS A 15 -0.49 -1.93 -1.78
C CYS A 15 -1.00 -3.37 -1.74
N ARG A 16 -1.47 -3.80 -0.58
CA ARG A 16 -1.99 -5.15 -0.41
C ARG A 16 -3.41 -5.27 -0.93
N GLU A 17 -3.83 -4.28 -1.73
CA GLU A 17 -5.17 -4.27 -2.29
C GLU A 17 -5.13 -4.29 -3.81
N CYS A 18 -4.40 -3.34 -4.39
CA CYS A 18 -4.27 -3.25 -5.84
C CYS A 18 -2.90 -3.72 -6.30
N ASP A 19 -2.00 -3.91 -5.34
CA ASP A 19 -0.64 -4.37 -5.65
C ASP A 19 0.12 -3.29 -6.41
N MET A 20 -0.02 -2.05 -5.98
CA MET A 20 0.66 -0.93 -6.62
C MET A 20 1.84 -0.45 -5.78
N CYS A 21 2.96 -0.16 -6.44
CA CYS A 21 4.15 0.31 -5.74
C CYS A 21 4.10 1.82 -5.55
N PHE A 22 4.71 2.31 -4.46
CA PHE A 22 4.74 3.73 -4.16
C PHE A 22 6.12 4.17 -3.70
N SER A 23 6.79 4.96 -4.51
CA SER A 23 8.13 5.44 -4.19
C SER A 23 8.18 5.98 -2.76
N GLN A 24 7.12 6.69 -2.37
CA GLN A 24 7.04 7.26 -1.03
C GLN A 24 6.03 6.51 -0.17
N ALA A 25 6.35 6.35 1.11
CA ALA A 25 5.46 5.65 2.04
C ALA A 25 4.25 6.49 2.37
N SER A 26 4.46 7.78 2.66
CA SER A 26 3.38 8.68 2.99
C SER A 26 2.28 8.63 1.95
N SER A 27 2.66 8.74 0.68
CA SER A 27 1.70 8.71 -0.42
C SER A 27 0.82 7.47 -0.33
N LEU A 28 1.44 6.33 -0.03
CA LEU A 28 0.70 5.07 0.09
C LEU A 28 -0.34 5.15 1.20
N ARG A 29 0.08 5.60 2.37
CA ARG A 29 -0.81 5.73 3.52
C ARG A 29 -2.12 6.40 3.11
N LEU A 30 -2.01 7.48 2.34
CA LEU A 30 -3.17 8.23 1.89
C LEU A 30 -3.91 7.46 0.78
N HIS A 31 -3.16 7.01 -0.22
CA HIS A 31 -3.73 6.27 -1.34
C HIS A 31 -4.67 5.18 -0.82
N GLN A 32 -4.51 4.81 0.44
CA GLN A 32 -5.35 3.77 1.04
C GLN A 32 -6.67 4.35 1.53
N ASN A 33 -7.08 5.47 0.92
CA ASN A 33 -8.32 6.12 1.29
C ASN A 33 -9.32 6.09 0.14
N VAL A 34 -8.97 5.37 -0.92
CA VAL A 34 -9.83 5.26 -2.10
C VAL A 34 -10.43 3.86 -2.20
N HIS A 35 -9.69 2.87 -1.71
CA HIS A 35 -10.14 1.47 -1.75
C HIS A 35 -11.47 1.31 -1.01
N VAL A 36 -11.81 2.31 -0.20
CA VAL A 36 -13.05 2.28 0.57
C VAL A 36 -14.21 2.86 -0.23
N GLY A 37 -14.07 2.86 -1.55
CA GLY A 37 -15.11 3.40 -2.42
C GLY A 37 -16.18 2.38 -2.74
N GLU A 38 -16.30 2.05 -4.03
CA GLU A 38 -17.30 1.08 -4.46
C GLU A 38 -16.85 0.39 -5.75
N LYS A 39 -16.68 -0.93 -5.69
CA LYS A 39 -16.26 -1.71 -6.84
C LYS A 39 -16.97 -3.05 -6.88
N PRO A 40 -17.08 -3.64 -8.08
CA PRO A 40 -17.73 -4.94 -8.29
C PRO A 40 -16.94 -6.09 -7.68
N SER A 41 -17.59 -7.24 -7.53
CA SER A 41 -16.94 -8.41 -6.95
C SER A 41 -15.91 -8.99 -7.93
N GLY A 42 -14.70 -8.45 -7.86
CA GLY A 42 -13.64 -8.92 -8.74
C GLY A 42 -12.26 -8.78 -8.12
N PRO A 43 -11.73 -7.56 -8.09
CA PRO A 43 -10.42 -7.27 -7.52
C PRO A 43 -10.40 -7.41 -6.00
N SER A 44 -11.58 -7.56 -5.41
CA SER A 44 -11.70 -7.71 -3.97
C SER A 44 -12.33 -9.05 -3.61
N SER A 45 -11.85 -9.64 -2.52
CA SER A 45 -12.36 -10.94 -2.07
C SER A 45 -13.71 -10.78 -1.38
N GLY A 46 -13.75 -9.92 -0.36
CA GLY A 46 -14.98 -9.69 0.37
C GLY A 46 -14.91 -8.47 1.26
N GLY A 1 38.47 -8.91 4.20
CA GLY A 1 37.19 -9.26 4.79
C GLY A 1 36.07 -9.35 3.77
N SER A 2 34.90 -9.78 4.21
CA SER A 2 33.75 -9.91 3.31
C SER A 2 33.10 -8.56 3.05
N SER A 3 32.45 -8.44 1.90
CA SER A 3 31.77 -7.20 1.53
C SER A 3 30.26 -7.37 1.53
N GLY A 4 29.80 -8.44 0.89
CA GLY A 4 28.38 -8.71 0.83
C GLY A 4 27.69 -7.89 -0.24
N SER A 5 27.22 -6.69 0.14
CA SER A 5 26.53 -5.82 -0.80
C SER A 5 26.66 -4.35 -0.36
N SER A 6 26.54 -3.44 -1.32
CA SER A 6 26.64 -2.02 -1.03
C SER A 6 25.31 -1.32 -1.28
N GLY A 7 24.73 -0.76 -0.23
CA GLY A 7 23.47 -0.07 -0.34
C GLY A 7 22.29 -0.93 0.05
N MET A 8 22.19 -1.23 1.34
CA MET A 8 21.10 -2.06 1.86
C MET A 8 19.84 -1.22 2.09
N GLY A 9 18.86 -1.38 1.22
CA GLY A 9 17.63 -0.64 1.35
C GLY A 9 16.82 -0.60 0.06
N GLU A 10 15.80 -1.43 -0.03
CA GLU A 10 14.95 -1.49 -1.21
C GLU A 10 13.65 -0.73 -1.00
N LYS A 11 13.70 0.58 -1.19
CA LYS A 11 12.52 1.43 -1.02
C LYS A 11 11.36 0.93 -1.87
N THR A 12 10.46 0.16 -1.27
CA THR A 12 9.31 -0.38 -1.98
C THR A 12 8.10 -0.50 -1.05
N TRP A 13 7.02 0.21 -1.39
CA TRP A 13 5.81 0.17 -0.59
C TRP A 13 4.63 -0.31 -1.42
N LYS A 14 4.39 -1.62 -1.40
CA LYS A 14 3.28 -2.21 -2.15
C LYS A 14 1.97 -2.09 -1.37
N CYS A 15 0.92 -1.66 -2.06
CA CYS A 15 -0.39 -1.51 -1.43
C CYS A 15 -0.85 -2.82 -0.81
N ARG A 16 -2.07 -2.82 -0.27
CA ARG A 16 -2.62 -4.01 0.37
C ARG A 16 -3.81 -4.54 -0.42
N GLU A 17 -4.30 -3.74 -1.37
CA GLU A 17 -5.44 -4.13 -2.19
C GLU A 17 -5.02 -4.31 -3.65
N CYS A 18 -4.76 -3.19 -4.33
CA CYS A 18 -4.35 -3.23 -5.73
C CYS A 18 -2.89 -3.65 -5.86
N ASP A 19 -2.18 -3.65 -4.74
CA ASP A 19 -0.77 -4.04 -4.72
C ASP A 19 0.06 -3.07 -5.57
N MET A 20 -0.31 -1.80 -5.55
CA MET A 20 0.40 -0.78 -6.31
C MET A 20 1.69 -0.39 -5.60
N CYS A 21 2.66 0.09 -6.38
CA CYS A 21 3.94 0.51 -5.83
C CYS A 21 4.00 2.02 -5.63
N PHE A 22 4.54 2.44 -4.49
CA PHE A 22 4.64 3.85 -4.17
C PHE A 22 6.03 4.18 -3.62
N SER A 23 6.67 5.20 -4.20
CA SER A 23 7.99 5.61 -3.76
C SER A 23 7.94 6.27 -2.39
N GLN A 24 6.89 7.07 -2.17
CA GLN A 24 6.72 7.76 -0.90
C GLN A 24 5.79 6.98 0.03
N ALA A 25 6.37 6.17 0.91
CA ALA A 25 5.59 5.37 1.84
C ALA A 25 4.43 6.18 2.42
N SER A 26 4.63 7.49 2.53
CA SER A 26 3.60 8.37 3.07
C SER A 26 2.40 8.44 2.12
N SER A 27 2.68 8.67 0.84
CA SER A 27 1.63 8.77 -0.16
C SER A 27 0.73 7.53 -0.13
N LEU A 28 1.35 6.36 -0.07
CA LEU A 28 0.61 5.10 -0.04
C LEU A 28 -0.43 5.11 1.07
N ARG A 29 0.02 5.35 2.30
CA ARG A 29 -0.87 5.38 3.45
C ARG A 29 -2.16 6.13 3.11
N LEU A 30 -2.02 7.28 2.48
CA LEU A 30 -3.18 8.09 2.10
C LEU A 30 -3.91 7.47 0.92
N HIS A 31 -3.14 6.96 -0.05
CA HIS A 31 -3.71 6.35 -1.24
C HIS A 31 -4.80 5.34 -0.86
N GLN A 32 -4.47 4.44 0.08
CA GLN A 32 -5.41 3.43 0.52
C GLN A 32 -6.84 3.98 0.53
N ASN A 33 -6.98 5.26 0.86
CA ASN A 33 -8.28 5.89 0.91
C ASN A 33 -9.11 5.55 -0.34
N VAL A 34 -8.51 5.74 -1.50
CA VAL A 34 -9.18 5.44 -2.77
C VAL A 34 -9.98 4.15 -2.66
N HIS A 35 -9.51 3.23 -1.82
CA HIS A 35 -10.18 1.95 -1.65
C HIS A 35 -11.38 2.09 -0.73
N VAL A 36 -11.20 2.80 0.38
CA VAL A 36 -12.28 3.01 1.34
C VAL A 36 -13.59 3.29 0.63
N GLY A 37 -14.48 2.30 0.62
CA GLY A 37 -15.77 2.46 -0.03
C GLY A 37 -16.21 1.21 -0.76
N GLU A 38 -16.01 0.06 -0.14
CA GLU A 38 -16.39 -1.22 -0.73
C GLU A 38 -17.90 -1.44 -0.62
N LYS A 39 -18.43 -2.25 -1.52
CA LYS A 39 -19.86 -2.56 -1.54
C LYS A 39 -20.10 -4.05 -1.70
N PRO A 40 -21.28 -4.51 -1.27
CA PRO A 40 -21.66 -5.92 -1.37
C PRO A 40 -21.89 -6.37 -2.81
N SER A 41 -22.09 -7.68 -3.00
CA SER A 41 -22.31 -8.22 -4.33
C SER A 41 -23.60 -9.03 -4.37
N GLY A 42 -24.72 -8.33 -4.61
CA GLY A 42 -26.01 -8.99 -4.67
C GLY A 42 -26.64 -9.15 -3.31
N PRO A 43 -27.16 -8.04 -2.77
CA PRO A 43 -27.82 -8.04 -1.45
C PRO A 43 -29.15 -8.78 -1.46
N SER A 44 -29.84 -8.75 -0.32
CA SER A 44 -31.13 -9.43 -0.19
C SER A 44 -32.27 -8.51 -0.61
N SER A 45 -32.59 -8.52 -1.90
CA SER A 45 -33.66 -7.68 -2.43
C SER A 45 -33.57 -6.26 -1.87
N GLY A 46 -32.35 -5.74 -1.79
CA GLY A 46 -32.15 -4.40 -1.26
C GLY A 46 -32.44 -3.33 -2.30
N GLY A 1 30.86 -18.18 9.16
CA GLY A 1 29.87 -17.98 10.20
C GLY A 1 28.97 -16.78 9.93
N SER A 2 28.02 -16.55 10.82
CA SER A 2 27.08 -15.43 10.66
C SER A 2 27.39 -14.33 11.68
N SER A 3 27.53 -13.10 11.18
CA SER A 3 27.83 -11.96 12.04
C SER A 3 26.99 -10.75 11.63
N GLY A 4 27.08 -9.69 12.43
CA GLY A 4 26.33 -8.48 12.14
C GLY A 4 26.37 -8.11 10.66
N SER A 5 25.21 -7.77 10.10
CA SER A 5 25.12 -7.40 8.70
C SER A 5 24.09 -6.30 8.50
N SER A 6 24.54 -5.17 7.97
CA SER A 6 23.67 -4.03 7.73
C SER A 6 22.69 -4.33 6.60
N GLY A 7 21.40 -4.31 6.91
CA GLY A 7 20.39 -4.58 5.90
C GLY A 7 20.59 -3.75 4.64
N MET A 8 20.32 -4.35 3.50
CA MET A 8 20.47 -3.66 2.22
C MET A 8 19.43 -2.55 2.08
N GLY A 9 19.87 -1.40 1.57
CA GLY A 9 18.97 -0.27 1.39
C GLY A 9 17.97 -0.50 0.27
N GLU A 10 16.74 -0.86 0.65
CA GLU A 10 15.70 -1.11 -0.34
C GLU A 10 14.37 -0.50 0.11
N LYS A 11 13.91 0.51 -0.60
CA LYS A 11 12.66 1.18 -0.28
C LYS A 11 11.56 0.78 -1.26
N THR A 12 10.51 0.13 -0.75
CA THR A 12 9.40 -0.30 -1.59
C THR A 12 8.11 -0.39 -0.79
N TRP A 13 7.18 0.52 -1.04
CA TRP A 13 5.90 0.53 -0.34
C TRP A 13 4.76 0.15 -1.28
N LYS A 14 4.53 -1.15 -1.43
CA LYS A 14 3.47 -1.65 -2.29
C LYS A 14 2.12 -1.58 -1.60
N CYS A 15 1.06 -1.89 -2.33
CA CYS A 15 -0.29 -1.86 -1.78
C CYS A 15 -0.88 -3.26 -1.73
N ARG A 16 -1.32 -3.67 -0.54
CA ARG A 16 -1.91 -4.99 -0.36
C ARG A 16 -3.39 -4.98 -0.71
N GLU A 17 -3.77 -4.08 -1.61
CA GLU A 17 -5.16 -3.97 -2.04
C GLU A 17 -5.26 -3.95 -3.57
N CYS A 18 -4.43 -3.12 -4.19
CA CYS A 18 -4.42 -3.01 -5.65
C CYS A 18 -3.12 -3.55 -6.23
N ASP A 19 -2.17 -3.87 -5.36
CA ASP A 19 -0.89 -4.39 -5.78
C ASP A 19 -0.08 -3.34 -6.54
N MET A 20 -0.16 -2.10 -6.06
CA MET A 20 0.56 -1.00 -6.69
C MET A 20 1.82 -0.65 -5.91
N CYS A 21 2.84 -0.18 -6.62
CA CYS A 21 4.10 0.20 -5.99
C CYS A 21 4.14 1.69 -5.71
N PHE A 22 4.57 2.04 -4.50
CA PHE A 22 4.66 3.45 -4.10
C PHE A 22 6.02 3.74 -3.47
N SER A 23 6.77 4.66 -4.08
CA SER A 23 8.08 5.03 -3.58
C SER A 23 7.97 6.08 -2.48
N GLN A 24 6.79 6.15 -1.86
CA GLN A 24 6.54 7.11 -0.79
C GLN A 24 5.59 6.53 0.25
N ALA A 25 6.11 6.31 1.46
CA ALA A 25 5.30 5.76 2.54
C ALA A 25 4.02 6.55 2.74
N SER A 26 4.15 7.86 2.88
CA SER A 26 3.00 8.75 3.08
C SER A 26 2.02 8.60 1.92
N SER A 27 2.55 8.57 0.71
CA SER A 27 1.71 8.45 -0.49
C SER A 27 0.81 7.21 -0.40
N LEU A 28 1.43 6.06 -0.14
CA LEU A 28 0.69 4.81 -0.02
C LEU A 28 -0.46 4.95 0.96
N ARG A 29 -0.16 5.50 2.14
CA ARG A 29 -1.16 5.69 3.18
C ARG A 29 -2.28 6.62 2.69
N LEU A 30 -1.88 7.72 2.06
CA LEU A 30 -2.85 8.69 1.56
C LEU A 30 -3.64 8.12 0.40
N HIS A 31 -3.11 7.06 -0.21
CA HIS A 31 -3.78 6.41 -1.34
C HIS A 31 -4.79 5.38 -0.85
N GLN A 32 -4.42 4.63 0.18
CA GLN A 32 -5.29 3.60 0.74
C GLN A 32 -6.67 4.17 1.05
N ASN A 33 -6.73 5.49 1.26
CA ASN A 33 -7.99 6.15 1.56
C ASN A 33 -9.03 5.88 0.48
N VAL A 34 -8.55 5.47 -0.70
CA VAL A 34 -9.44 5.17 -1.81
C VAL A 34 -10.02 3.77 -1.69
N HIS A 35 -9.33 2.90 -0.97
CA HIS A 35 -9.77 1.53 -0.77
C HIS A 35 -10.85 1.46 0.31
N VAL A 36 -10.54 2.00 1.48
CA VAL A 36 -11.49 1.99 2.60
C VAL A 36 -12.91 2.20 2.10
N GLY A 37 -13.79 1.28 2.47
CA GLY A 37 -15.19 1.39 2.06
C GLY A 37 -16.02 0.21 2.52
N GLU A 38 -17.03 -0.16 1.73
CA GLU A 38 -17.90 -1.28 2.07
C GLU A 38 -18.27 -2.07 0.82
N LYS A 39 -18.88 -3.23 1.03
CA LYS A 39 -19.30 -4.09 -0.08
C LYS A 39 -20.72 -4.57 0.11
N PRO A 40 -21.39 -4.92 -1.01
CA PRO A 40 -22.78 -5.40 -0.98
C PRO A 40 -22.90 -6.79 -0.37
N SER A 41 -24.10 -7.13 0.07
CA SER A 41 -24.34 -8.43 0.68
C SER A 41 -24.82 -9.44 -0.35
N GLY A 42 -23.87 -10.08 -1.03
CA GLY A 42 -24.21 -11.06 -2.04
C GLY A 42 -24.27 -10.46 -3.44
N PRO A 43 -23.12 -9.99 -3.93
CA PRO A 43 -23.02 -9.38 -5.27
C PRO A 43 -23.20 -10.41 -6.38
N SER A 44 -24.45 -10.72 -6.70
CA SER A 44 -24.76 -11.68 -7.74
C SER A 44 -25.02 -10.98 -9.07
N SER A 45 -25.78 -9.89 -9.02
CA SER A 45 -26.11 -9.13 -10.21
C SER A 45 -24.95 -8.23 -10.63
N GLY A 46 -24.94 -7.82 -11.89
CA GLY A 46 -23.89 -6.96 -12.40
C GLY A 46 -22.54 -7.31 -11.81
N GLY A 1 20.54 -16.19 2.44
CA GLY A 1 19.51 -15.42 1.77
C GLY A 1 19.30 -15.85 0.33
N SER A 2 18.18 -16.50 0.06
CA SER A 2 17.87 -16.97 -1.28
C SER A 2 17.27 -15.86 -2.13
N SER A 3 17.90 -14.68 -2.07
CA SER A 3 17.43 -13.53 -2.83
C SER A 3 18.51 -12.45 -2.89
N GLY A 4 18.81 -11.98 -4.10
CA GLY A 4 19.82 -10.95 -4.26
C GLY A 4 19.33 -9.80 -5.12
N SER A 5 18.70 -8.82 -4.48
CA SER A 5 18.17 -7.67 -5.20
C SER A 5 18.89 -6.38 -4.75
N SER A 6 19.39 -5.63 -5.72
CA SER A 6 20.09 -4.38 -5.44
C SER A 6 19.84 -3.35 -6.52
N GLY A 7 19.98 -2.07 -6.17
CA GLY A 7 19.76 -1.01 -7.13
C GLY A 7 18.61 -0.10 -6.75
N MET A 8 18.71 1.17 -7.12
CA MET A 8 17.67 2.15 -6.81
C MET A 8 17.10 1.90 -5.42
N GLY A 9 17.99 1.63 -4.45
CA GLY A 9 17.55 1.38 -3.09
C GLY A 9 16.71 0.12 -2.97
N GLU A 10 16.18 -0.12 -1.78
CA GLU A 10 15.36 -1.31 -1.54
C GLU A 10 13.94 -0.90 -1.13
N LYS A 11 13.79 0.33 -0.68
CA LYS A 11 12.49 0.84 -0.26
C LYS A 11 11.41 0.47 -1.27
N THR A 12 10.32 -0.11 -0.78
CA THR A 12 9.21 -0.51 -1.64
C THR A 12 7.90 -0.56 -0.86
N TRP A 13 7.00 0.37 -1.15
CA TRP A 13 5.71 0.42 -0.47
C TRP A 13 4.58 -0.02 -1.41
N LYS A 14 4.25 -1.30 -1.39
CA LYS A 14 3.20 -1.84 -2.24
C LYS A 14 1.84 -1.74 -1.55
N CYS A 15 0.78 -1.84 -2.33
CA CYS A 15 -0.58 -1.76 -1.79
C CYS A 15 -1.09 -3.15 -1.42
N ARG A 16 -2.33 -3.20 -0.94
CA ARG A 16 -2.94 -4.46 -0.54
C ARG A 16 -3.88 -4.98 -1.64
N GLU A 17 -4.85 -4.15 -2.01
CA GLU A 17 -5.82 -4.52 -3.04
C GLU A 17 -5.16 -4.51 -4.42
N CYS A 18 -4.92 -3.32 -4.94
CA CYS A 18 -4.30 -3.17 -6.26
C CYS A 18 -2.81 -3.49 -6.19
N ASP A 19 -2.28 -3.63 -4.98
CA ASP A 19 -0.88 -3.94 -4.79
C ASP A 19 0.00 -3.02 -5.64
N MET A 20 -0.33 -1.74 -5.63
CA MET A 20 0.43 -0.74 -6.38
C MET A 20 1.71 -0.36 -5.64
N CYS A 21 2.80 -0.18 -6.40
CA CYS A 21 4.08 0.19 -5.81
C CYS A 21 4.19 1.70 -5.67
N PHE A 22 4.69 2.15 -4.53
CA PHE A 22 4.86 3.58 -4.26
C PHE A 22 6.25 3.89 -3.75
N SER A 23 6.79 5.03 -4.17
CA SER A 23 8.13 5.44 -3.75
C SER A 23 8.10 6.10 -2.38
N GLN A 24 7.03 6.83 -2.10
CA GLN A 24 6.87 7.51 -0.83
C GLN A 24 5.83 6.81 0.04
N ALA A 25 6.21 6.50 1.27
CA ALA A 25 5.32 5.83 2.21
C ALA A 25 4.05 6.66 2.45
N SER A 26 4.23 7.94 2.73
CA SER A 26 3.11 8.83 2.98
C SER A 26 2.08 8.73 1.87
N SER A 27 2.55 8.73 0.62
CA SER A 27 1.65 8.63 -0.53
C SER A 27 0.81 7.36 -0.47
N LEU A 28 1.43 6.27 -0.05
CA LEU A 28 0.74 4.99 0.05
C LEU A 28 -0.35 5.05 1.10
N ARG A 29 0.01 5.43 2.33
CA ARG A 29 -0.95 5.54 3.42
C ARG A 29 -2.19 6.31 2.98
N LEU A 30 -1.98 7.40 2.26
CA LEU A 30 -3.09 8.22 1.78
C LEU A 30 -3.79 7.54 0.60
N HIS A 31 -3.02 6.86 -0.22
CA HIS A 31 -3.57 6.17 -1.39
C HIS A 31 -4.42 4.99 -0.96
N GLN A 32 -4.20 4.50 0.25
CA GLN A 32 -4.95 3.37 0.78
C GLN A 32 -6.28 3.83 1.38
N ASN A 33 -6.76 4.98 0.93
CA ASN A 33 -8.02 5.53 1.42
C ASN A 33 -9.01 5.74 0.27
N VAL A 34 -8.55 5.46 -0.94
CA VAL A 34 -9.40 5.61 -2.13
C VAL A 34 -10.20 4.35 -2.39
N HIS A 35 -9.65 3.20 -2.00
CA HIS A 35 -10.32 1.93 -2.19
C HIS A 35 -11.65 1.88 -1.42
N VAL A 36 -11.57 2.12 -0.11
CA VAL A 36 -12.75 2.10 0.74
C VAL A 36 -13.92 2.79 0.05
N GLY A 37 -15.03 2.07 -0.10
CA GLY A 37 -16.21 2.63 -0.74
C GLY A 37 -16.84 3.73 0.10
N GLU A 38 -16.46 4.98 -0.18
CA GLU A 38 -17.00 6.12 0.54
C GLU A 38 -16.51 7.43 -0.07
N LYS A 39 -17.44 8.23 -0.58
CA LYS A 39 -17.11 9.50 -1.18
C LYS A 39 -17.70 10.66 -0.40
N PRO A 40 -16.97 11.77 -0.32
CA PRO A 40 -17.40 12.96 0.41
C PRO A 40 -18.57 13.67 -0.29
N SER A 41 -19.03 13.09 -1.39
CA SER A 41 -20.14 13.67 -2.15
C SER A 41 -19.82 15.09 -2.57
N GLY A 42 -18.56 15.33 -2.95
CA GLY A 42 -18.15 16.65 -3.38
C GLY A 42 -18.13 16.80 -4.88
N PRO A 43 -17.13 16.17 -5.53
CA PRO A 43 -16.98 16.23 -6.98
C PRO A 43 -18.07 15.44 -7.71
N SER A 44 -18.14 15.61 -9.03
CA SER A 44 -19.14 14.93 -9.84
C SER A 44 -18.49 14.19 -10.99
N SER A 45 -17.43 13.43 -10.68
CA SER A 45 -16.71 12.67 -11.69
C SER A 45 -16.61 11.20 -11.29
N GLY A 46 -17.43 10.37 -11.93
CA GLY A 46 -17.42 8.94 -11.64
C GLY A 46 -18.09 8.63 -10.31
N GLY A 1 19.75 -22.54 6.49
CA GLY A 1 18.81 -23.37 5.77
C GLY A 1 18.51 -22.84 4.38
N SER A 2 19.56 -22.57 3.62
CA SER A 2 19.41 -22.03 2.26
C SER A 2 18.81 -20.64 2.29
N SER A 3 19.31 -19.81 3.21
CA SER A 3 18.82 -18.44 3.36
C SER A 3 19.90 -17.45 2.94
N GLY A 4 19.47 -16.25 2.53
CA GLY A 4 20.42 -15.24 2.11
C GLY A 4 20.67 -14.21 3.20
N SER A 5 21.41 -13.15 2.85
CA SER A 5 21.72 -12.09 3.80
C SER A 5 21.20 -10.75 3.31
N SER A 6 20.02 -10.37 3.80
CA SER A 6 19.41 -9.10 3.41
C SER A 6 18.87 -8.36 4.63
N GLY A 7 19.65 -7.41 5.13
CA GLY A 7 19.24 -6.65 6.29
C GLY A 7 18.37 -5.46 5.92
N MET A 8 19.00 -4.41 5.38
CA MET A 8 18.27 -3.21 4.99
C MET A 8 17.01 -3.58 4.20
N GLY A 9 15.87 -3.03 4.64
CA GLY A 9 14.62 -3.30 3.96
C GLY A 9 14.47 -2.53 2.67
N GLU A 10 14.24 -3.26 1.58
CA GLU A 10 14.08 -2.63 0.27
C GLU A 10 12.90 -1.67 0.26
N LYS A 11 13.19 -0.38 0.35
CA LYS A 11 12.14 0.64 0.35
C LYS A 11 11.04 0.29 -0.64
N THR A 12 10.00 -0.37 -0.16
CA THR A 12 8.88 -0.76 -1.01
C THR A 12 7.56 -0.54 -0.30
N TRP A 13 6.79 0.44 -0.75
CA TRP A 13 5.50 0.76 -0.16
C TRP A 13 4.37 0.55 -1.17
N LYS A 14 3.97 -0.71 -1.36
CA LYS A 14 2.90 -1.05 -2.29
C LYS A 14 1.64 -1.48 -1.54
N CYS A 15 0.52 -1.43 -2.23
CA CYS A 15 -0.76 -1.83 -1.64
C CYS A 15 -0.88 -3.34 -1.55
N ARG A 16 -1.90 -3.81 -0.85
CA ARG A 16 -2.13 -5.25 -0.70
C ARG A 16 -3.40 -5.68 -1.43
N GLU A 17 -3.86 -4.84 -2.36
CA GLU A 17 -5.06 -5.14 -3.12
C GLU A 17 -4.84 -4.88 -4.60
N CYS A 18 -4.50 -3.64 -4.94
CA CYS A 18 -4.26 -3.26 -6.32
C CYS A 18 -2.83 -3.57 -6.75
N ASP A 19 -1.97 -3.82 -5.75
CA ASP A 19 -0.57 -4.14 -6.02
C ASP A 19 0.13 -2.95 -6.67
N MET A 20 -0.07 -1.77 -6.12
CA MET A 20 0.54 -0.56 -6.64
C MET A 20 1.67 -0.08 -5.73
N CYS A 21 2.90 -0.20 -6.19
CA CYS A 21 4.06 0.22 -5.42
C CYS A 21 4.16 1.74 -5.37
N PHE A 22 4.60 2.26 -4.23
CA PHE A 22 4.74 3.71 -4.06
C PHE A 22 6.11 4.06 -3.48
N SER A 23 7.01 4.51 -4.34
CA SER A 23 8.36 4.87 -3.91
C SER A 23 8.34 5.47 -2.50
N GLN A 24 7.35 6.30 -2.23
CA GLN A 24 7.21 6.94 -0.92
C GLN A 24 6.07 6.31 -0.13
N ALA A 25 6.32 6.03 1.15
CA ALA A 25 5.32 5.43 2.01
C ALA A 25 4.15 6.39 2.23
N SER A 26 4.46 7.65 2.54
CA SER A 26 3.43 8.64 2.78
C SER A 26 2.39 8.63 1.67
N SER A 27 2.86 8.64 0.43
CA SER A 27 1.96 8.63 -0.73
C SER A 27 0.99 7.47 -0.64
N LEU A 28 1.48 6.30 -0.26
CA LEU A 28 0.64 5.11 -0.13
C LEU A 28 -0.38 5.29 0.97
N ARG A 29 0.05 5.81 2.11
CA ARG A 29 -0.83 6.03 3.25
C ARG A 29 -2.12 6.75 2.81
N LEU A 30 -1.96 7.80 2.02
CA LEU A 30 -3.11 8.57 1.52
C LEU A 30 -3.94 7.73 0.56
N HIS A 31 -3.26 6.97 -0.30
CA HIS A 31 -3.94 6.13 -1.28
C HIS A 31 -4.81 5.08 -0.58
N GLN A 32 -4.33 4.58 0.55
CA GLN A 32 -5.07 3.58 1.31
C GLN A 32 -6.50 4.01 1.55
N ASN A 33 -6.75 5.31 1.40
CA ASN A 33 -8.10 5.86 1.59
C ASN A 33 -8.93 5.71 0.33
N VAL A 34 -8.59 4.73 -0.50
CA VAL A 34 -9.31 4.48 -1.74
C VAL A 34 -10.15 3.20 -1.64
N HIS A 35 -9.61 2.19 -0.97
CA HIS A 35 -10.30 0.92 -0.81
C HIS A 35 -11.19 0.94 0.44
N VAL A 36 -11.71 2.12 0.78
CA VAL A 36 -12.56 2.27 1.94
C VAL A 36 -13.87 2.96 1.59
N GLY A 37 -14.99 2.38 2.00
CA GLY A 37 -16.29 2.95 1.71
C GLY A 37 -16.52 3.13 0.22
N GLU A 38 -16.93 2.05 -0.45
CA GLU A 38 -17.19 2.09 -1.88
C GLU A 38 -18.44 2.92 -2.18
N LYS A 39 -18.58 3.33 -3.43
CA LYS A 39 -19.73 4.13 -3.85
C LYS A 39 -20.08 3.84 -5.31
N PRO A 40 -21.35 3.47 -5.56
CA PRO A 40 -21.83 3.18 -6.91
C PRO A 40 -21.92 4.42 -7.78
N SER A 41 -21.50 5.56 -7.23
CA SER A 41 -21.54 6.82 -7.96
C SER A 41 -22.96 7.21 -8.31
N GLY A 42 -23.82 7.27 -7.29
CA GLY A 42 -25.20 7.63 -7.51
C GLY A 42 -26.17 6.59 -7.00
N PRO A 43 -26.21 6.42 -5.67
CA PRO A 43 -27.09 5.44 -5.02
C PRO A 43 -28.56 5.81 -5.12
N SER A 44 -28.86 7.09 -4.87
CA SER A 44 -30.23 7.58 -4.93
C SER A 44 -30.50 8.27 -6.27
N SER A 45 -31.27 7.59 -7.12
CA SER A 45 -31.60 8.12 -8.43
C SER A 45 -33.02 8.69 -8.45
N GLY A 46 -33.98 7.89 -7.99
CA GLY A 46 -35.36 8.33 -7.96
C GLY A 46 -35.79 8.76 -6.57
N GLY A 1 21.40 -19.82 11.46
CA GLY A 1 21.06 -18.63 10.69
C GLY A 1 20.81 -18.95 9.23
N SER A 2 19.88 -19.86 8.97
CA SER A 2 19.55 -20.25 7.61
C SER A 2 18.18 -19.71 7.21
N SER A 3 17.21 -19.83 8.12
CA SER A 3 15.86 -19.35 7.86
C SER A 3 15.89 -18.05 7.05
N GLY A 4 16.54 -17.05 7.60
CA GLY A 4 16.63 -15.76 6.92
C GLY A 4 15.94 -14.65 7.69
N SER A 5 16.08 -13.42 7.21
CA SER A 5 15.48 -12.27 7.86
C SER A 5 15.41 -11.07 6.90
N SER A 6 14.29 -10.36 6.96
CA SER A 6 14.09 -9.20 6.09
C SER A 6 15.13 -8.12 6.38
N GLY A 7 15.65 -7.51 5.32
CA GLY A 7 16.66 -6.48 5.47
C GLY A 7 17.01 -5.80 4.16
N MET A 8 15.98 -5.37 3.42
CA MET A 8 16.19 -4.71 2.15
C MET A 8 16.61 -3.25 2.34
N GLY A 9 17.23 -2.68 1.32
CA GLY A 9 17.66 -1.29 1.39
C GLY A 9 16.74 -0.35 0.67
N GLU A 10 16.60 -0.54 -0.64
CA GLU A 10 15.73 0.31 -1.45
C GLU A 10 14.33 0.35 -0.88
N LYS A 11 13.81 1.57 -0.70
CA LYS A 11 12.46 1.75 -0.16
C LYS A 11 11.41 1.31 -1.17
N THR A 12 10.51 0.42 -0.74
CA THR A 12 9.45 -0.07 -1.59
C THR A 12 8.15 -0.23 -0.83
N TRP A 13 7.20 0.66 -1.07
CA TRP A 13 5.91 0.60 -0.40
C TRP A 13 4.80 0.23 -1.37
N LYS A 14 4.30 -1.00 -1.25
CA LYS A 14 3.24 -1.48 -2.12
C LYS A 14 1.90 -1.51 -1.38
N CYS A 15 0.81 -1.70 -2.13
CA CYS A 15 -0.52 -1.75 -1.55
C CYS A 15 -0.97 -3.20 -1.35
N ARG A 16 -2.18 -3.37 -0.83
CA ARG A 16 -2.73 -4.70 -0.60
C ARG A 16 -3.89 -4.98 -1.56
N GLU A 17 -4.89 -4.11 -1.53
CA GLU A 17 -6.06 -4.28 -2.39
C GLU A 17 -5.65 -4.31 -3.86
N CYS A 18 -5.16 -3.17 -4.36
CA CYS A 18 -4.74 -3.07 -5.76
C CYS A 18 -3.35 -3.67 -5.94
N ASP A 19 -2.53 -3.59 -4.90
CA ASP A 19 -1.18 -4.11 -4.95
C ASP A 19 -0.27 -3.23 -5.79
N MET A 20 -0.51 -1.92 -5.74
CA MET A 20 0.27 -0.96 -6.50
C MET A 20 1.62 -0.72 -5.84
N CYS A 21 2.52 -0.06 -6.56
CA CYS A 21 3.85 0.23 -6.03
C CYS A 21 4.11 1.74 -6.02
N PHE A 22 4.65 2.23 -4.91
CA PHE A 22 4.94 3.65 -4.76
C PHE A 22 6.38 3.87 -4.32
N SER A 23 6.80 5.13 -4.25
CA SER A 23 8.15 5.48 -3.85
C SER A 23 8.18 5.88 -2.37
N GLN A 24 7.23 6.71 -1.97
CA GLN A 24 7.16 7.16 -0.59
C GLN A 24 5.99 6.50 0.15
N ALA A 25 6.21 6.11 1.40
CA ALA A 25 5.18 5.47 2.20
C ALA A 25 4.04 6.44 2.48
N SER A 26 4.37 7.62 2.97
CA SER A 26 3.37 8.63 3.29
C SER A 26 2.31 8.71 2.20
N SER A 27 2.76 8.68 0.94
CA SER A 27 1.86 8.76 -0.20
C SER A 27 0.92 7.54 -0.23
N LEU A 28 1.49 6.37 0.01
CA LEU A 28 0.72 5.14 0.01
C LEU A 28 -0.36 5.16 1.09
N ARG A 29 0.06 5.46 2.32
CA ARG A 29 -0.87 5.52 3.45
C ARG A 29 -2.15 6.24 3.06
N LEU A 30 -2.01 7.40 2.43
CA LEU A 30 -3.16 8.19 2.00
C LEU A 30 -3.87 7.52 0.83
N HIS A 31 -3.11 7.12 -0.17
CA HIS A 31 -3.68 6.45 -1.34
C HIS A 31 -4.66 5.36 -0.93
N GLN A 32 -4.23 4.50 -0.01
CA GLN A 32 -5.08 3.41 0.46
C GLN A 32 -6.52 3.87 0.62
N ASN A 33 -6.71 5.16 0.84
CA ASN A 33 -8.04 5.73 1.00
C ASN A 33 -8.96 5.27 -0.13
N VAL A 34 -8.48 5.37 -1.37
CA VAL A 34 -9.26 4.95 -2.52
C VAL A 34 -10.03 3.68 -2.25
N HIS A 35 -9.50 2.85 -1.36
CA HIS A 35 -10.13 1.59 -1.00
C HIS A 35 -11.06 1.77 0.20
N VAL A 36 -11.71 2.93 0.26
CA VAL A 36 -12.64 3.23 1.35
C VAL A 36 -14.07 3.32 0.84
N GLY A 37 -14.96 2.56 1.48
CA GLY A 37 -16.35 2.58 1.08
C GLY A 37 -17.00 3.94 1.25
N GLU A 38 -17.84 4.32 0.27
CA GLU A 38 -18.51 5.61 0.31
C GLU A 38 -20.00 5.45 0.02
N LYS A 39 -20.32 4.56 -0.92
CA LYS A 39 -21.71 4.30 -1.29
C LYS A 39 -22.59 4.23 -0.05
N PRO A 40 -23.73 4.96 -0.09
CA PRO A 40 -24.69 4.98 1.01
C PRO A 40 -25.43 3.66 1.17
N SER A 41 -25.86 3.37 2.40
CA SER A 41 -26.57 2.14 2.68
C SER A 41 -28.08 2.34 2.57
N GLY A 42 -28.59 2.28 1.34
CA GLY A 42 -30.01 2.46 1.12
C GLY A 42 -30.35 2.59 -0.36
N PRO A 43 -30.11 3.79 -0.92
CA PRO A 43 -30.40 4.07 -2.32
C PRO A 43 -29.44 3.34 -3.26
N SER A 44 -29.86 2.18 -3.73
CA SER A 44 -29.05 1.37 -4.64
C SER A 44 -29.54 1.51 -6.07
N SER A 45 -28.96 2.44 -6.81
CA SER A 45 -29.34 2.67 -8.20
C SER A 45 -28.17 2.41 -9.14
N GLY A 46 -28.45 1.74 -10.26
CA GLY A 46 -27.41 1.44 -11.21
C GLY A 46 -26.83 0.06 -11.01
N GLY A 1 27.58 -10.62 3.60
CA GLY A 1 26.66 -10.51 4.71
C GLY A 1 26.98 -11.49 5.83
N SER A 2 27.65 -11.00 6.87
CA SER A 2 28.02 -11.83 8.00
C SER A 2 27.00 -11.71 9.14
N SER A 3 26.92 -10.51 9.72
CA SER A 3 26.00 -10.26 10.81
C SER A 3 25.08 -9.08 10.49
N GLY A 4 24.05 -9.35 9.69
CA GLY A 4 23.11 -8.31 9.31
C GLY A 4 23.81 -7.07 8.80
N SER A 5 24.68 -7.24 7.81
CA SER A 5 25.41 -6.12 7.24
C SER A 5 24.97 -5.86 5.80
N SER A 6 23.66 -5.92 5.57
CA SER A 6 23.10 -5.70 4.24
C SER A 6 23.54 -4.35 3.69
N GLY A 7 23.16 -3.28 4.38
CA GLY A 7 23.53 -1.95 3.94
C GLY A 7 22.58 -1.40 2.90
N MET A 8 22.56 -2.01 1.74
CA MET A 8 21.67 -1.57 0.66
C MET A 8 20.30 -1.21 1.19
N GLY A 9 19.56 -0.41 0.43
CA GLY A 9 18.23 0.00 0.84
C GLY A 9 17.13 -0.76 0.12
N GLU A 10 16.24 -1.39 0.88
CA GLU A 10 15.14 -2.14 0.30
C GLU A 10 13.81 -1.45 0.54
N LYS A 11 13.80 -0.13 0.40
CA LYS A 11 12.60 0.66 0.60
C LYS A 11 11.56 0.37 -0.49
N THR A 12 10.40 -0.14 -0.08
CA THR A 12 9.35 -0.46 -1.02
C THR A 12 7.98 -0.45 -0.34
N TRP A 13 7.11 0.44 -0.79
CA TRP A 13 5.77 0.55 -0.22
C TRP A 13 4.70 0.26 -1.27
N LYS A 14 4.20 -0.97 -1.27
CA LYS A 14 3.17 -1.39 -2.22
C LYS A 14 1.87 -1.76 -1.49
N CYS A 15 0.77 -1.77 -2.23
CA CYS A 15 -0.53 -2.12 -1.67
C CYS A 15 -0.87 -3.58 -1.93
N ARG A 16 -1.29 -4.28 -0.89
CA ARG A 16 -1.65 -5.69 -1.01
C ARG A 16 -3.13 -5.85 -1.34
N GLU A 17 -3.67 -4.90 -2.07
CA GLU A 17 -5.08 -4.94 -2.45
C GLU A 17 -5.25 -4.69 -3.95
N CYS A 18 -4.74 -3.55 -4.42
CA CYS A 18 -4.83 -3.19 -5.83
C CYS A 18 -3.58 -3.61 -6.58
N ASP A 19 -2.54 -3.95 -5.83
CA ASP A 19 -1.28 -4.38 -6.43
C ASP A 19 -0.52 -3.18 -7.01
N MET A 20 -0.30 -2.17 -6.19
CA MET A 20 0.40 -0.97 -6.62
C MET A 20 1.68 -0.76 -5.81
N CYS A 21 2.61 0.01 -6.36
CA CYS A 21 3.88 0.28 -5.69
C CYS A 21 4.19 1.77 -5.69
N PHE A 22 4.67 2.27 -4.56
CA PHE A 22 5.00 3.68 -4.43
C PHE A 22 6.42 3.86 -3.87
N SER A 23 7.03 5.01 -4.18
CA SER A 23 8.38 5.30 -3.72
C SER A 23 8.36 5.77 -2.27
N GLN A 24 7.45 6.68 -1.96
CA GLN A 24 7.33 7.22 -0.60
C GLN A 24 6.13 6.62 0.11
N ALA A 25 6.30 6.32 1.40
CA ALA A 25 5.23 5.73 2.20
C ALA A 25 4.09 6.72 2.38
N SER A 26 4.43 7.97 2.72
CA SER A 26 3.44 9.00 2.94
C SER A 26 2.37 8.98 1.83
N SER A 27 2.83 8.89 0.59
CA SER A 27 1.92 8.85 -0.56
C SER A 27 0.99 7.65 -0.47
N LEU A 28 1.53 6.51 -0.08
CA LEU A 28 0.75 5.28 0.05
C LEU A 28 -0.36 5.45 1.10
N ARG A 29 0.06 5.77 2.33
CA ARG A 29 -0.89 5.95 3.42
C ARG A 29 -2.17 6.62 2.92
N LEU A 30 -2.02 7.72 2.18
CA LEU A 30 -3.15 8.45 1.65
C LEU A 30 -3.93 7.61 0.65
N HIS A 31 -3.20 6.90 -0.21
CA HIS A 31 -3.82 6.04 -1.22
C HIS A 31 -4.79 5.06 -0.57
N GLN A 32 -4.34 4.43 0.51
CA GLN A 32 -5.17 3.46 1.22
C GLN A 32 -6.62 3.94 1.30
N ASN A 33 -6.80 5.26 1.27
CA ASN A 33 -8.14 5.84 1.33
C ASN A 33 -9.03 5.30 0.23
N VAL A 34 -8.49 5.26 -0.99
CA VAL A 34 -9.24 4.77 -2.15
C VAL A 34 -9.84 3.40 -1.86
N HIS A 35 -9.30 2.72 -0.87
CA HIS A 35 -9.78 1.39 -0.49
C HIS A 35 -10.76 1.48 0.69
N VAL A 36 -10.35 2.21 1.72
CA VAL A 36 -11.19 2.38 2.90
C VAL A 36 -12.56 2.92 2.54
N GLY A 37 -13.61 2.15 2.83
CA GLY A 37 -14.96 2.56 2.53
C GLY A 37 -15.63 3.24 3.70
N GLU A 38 -15.92 2.47 4.75
CA GLU A 38 -16.57 3.00 5.93
C GLU A 38 -17.94 3.59 5.58
N LYS A 39 -18.69 2.86 4.76
CA LYS A 39 -20.03 3.30 4.35
C LYS A 39 -21.10 2.46 5.03
N PRO A 40 -22.21 3.12 5.40
CA PRO A 40 -23.34 2.44 6.06
C PRO A 40 -24.09 1.51 5.10
N SER A 41 -25.16 0.90 5.60
CA SER A 41 -25.96 -0.02 4.79
C SER A 41 -26.27 0.59 3.42
N GLY A 42 -26.66 1.85 3.41
CA GLY A 42 -26.97 2.53 2.16
C GLY A 42 -28.36 3.14 2.16
N PRO A 43 -28.41 4.47 2.05
CA PRO A 43 -29.69 5.20 2.03
C PRO A 43 -30.48 4.96 0.75
N SER A 44 -29.88 4.22 -0.18
CA SER A 44 -30.53 3.91 -1.44
C SER A 44 -31.78 3.07 -1.23
N SER A 45 -31.60 1.90 -0.63
CA SER A 45 -32.71 0.99 -0.37
C SER A 45 -32.39 0.04 0.78
N GLY A 46 -33.26 0.02 1.79
CA GLY A 46 -33.04 -0.84 2.93
C GLY A 46 -31.76 -0.51 3.68
N GLY A 1 19.77 -1.75 -15.27
CA GLY A 1 19.52 -2.54 -14.08
C GLY A 1 19.86 -1.80 -12.81
N SER A 2 20.85 -2.30 -12.07
CA SER A 2 21.26 -1.66 -10.82
C SER A 2 22.77 -1.47 -10.78
N SER A 3 23.22 -0.53 -9.97
CA SER A 3 24.64 -0.25 -9.83
C SER A 3 25.07 -0.23 -8.37
N GLY A 4 25.56 -1.36 -7.89
CA GLY A 4 25.99 -1.46 -6.51
C GLY A 4 24.99 -2.18 -5.63
N SER A 5 25.34 -3.37 -5.18
CA SER A 5 24.45 -4.16 -4.33
C SER A 5 24.44 -3.63 -2.90
N SER A 6 23.37 -3.90 -2.18
CA SER A 6 23.24 -3.45 -0.81
C SER A 6 23.85 -2.06 -0.63
N GLY A 7 23.54 -1.16 -1.55
CA GLY A 7 24.07 0.19 -1.48
C GLY A 7 23.54 1.08 -2.59
N MET A 8 22.28 0.87 -2.97
CA MET A 8 21.66 1.66 -4.02
C MET A 8 20.33 2.25 -3.55
N GLY A 9 19.63 1.50 -2.72
CA GLY A 9 18.35 1.97 -2.21
C GLY A 9 17.18 1.37 -2.95
N GLU A 10 16.74 0.19 -2.52
CA GLU A 10 15.62 -0.48 -3.16
C GLU A 10 14.33 -0.25 -2.38
N LYS A 11 14.06 1.01 -2.05
CA LYS A 11 12.86 1.36 -1.31
C LYS A 11 11.61 1.12 -2.14
N THR A 12 10.52 0.74 -1.47
CA THR A 12 9.26 0.46 -2.15
C THR A 12 8.15 0.17 -1.15
N TRP A 13 6.93 0.58 -1.49
CA TRP A 13 5.78 0.35 -0.62
C TRP A 13 4.59 -0.15 -1.41
N LYS A 14 4.52 -1.47 -1.62
CA LYS A 14 3.43 -2.09 -2.35
C LYS A 14 2.12 -1.98 -1.59
N CYS A 15 1.01 -1.98 -2.32
CA CYS A 15 -0.31 -1.89 -1.70
C CYS A 15 -0.87 -3.27 -1.40
N ARG A 16 -2.09 -3.31 -0.89
CA ARG A 16 -2.75 -4.57 -0.56
C ARG A 16 -3.82 -4.93 -1.59
N GLU A 17 -4.80 -4.04 -1.74
CA GLU A 17 -5.89 -4.26 -2.69
C GLU A 17 -5.35 -4.30 -4.12
N CYS A 18 -4.94 -3.13 -4.62
CA CYS A 18 -4.41 -3.04 -5.97
C CYS A 18 -2.99 -3.60 -6.05
N ASP A 19 -2.30 -3.59 -4.91
CA ASP A 19 -0.93 -4.09 -4.85
C ASP A 19 0.01 -3.24 -5.68
N MET A 20 -0.22 -1.93 -5.68
CA MET A 20 0.60 -1.00 -6.43
C MET A 20 1.83 -0.59 -5.62
N CYS A 21 2.95 -0.36 -6.32
CA CYS A 21 4.19 0.03 -5.66
C CYS A 21 4.26 1.55 -5.52
N PHE A 22 4.65 2.00 -4.33
CA PHE A 22 4.77 3.44 -4.07
C PHE A 22 6.12 3.76 -3.45
N SER A 23 6.89 4.62 -4.13
CA SER A 23 8.20 5.01 -3.65
C SER A 23 8.10 5.73 -2.30
N GLN A 24 7.04 6.52 -2.14
CA GLN A 24 6.83 7.26 -0.90
C GLN A 24 5.85 6.51 0.01
N ALA A 25 6.28 6.26 1.25
CA ALA A 25 5.46 5.57 2.22
C ALA A 25 4.22 6.38 2.58
N SER A 26 4.41 7.67 2.84
CA SER A 26 3.32 8.57 3.19
C SER A 26 2.25 8.56 2.11
N SER A 27 2.67 8.59 0.85
CA SER A 27 1.75 8.59 -0.27
C SER A 27 0.84 7.36 -0.23
N LEU A 28 1.43 6.21 0.08
CA LEU A 28 0.68 4.97 0.14
C LEU A 28 -0.39 5.04 1.24
N ARG A 29 0.01 5.56 2.40
CA ARG A 29 -0.91 5.67 3.53
C ARG A 29 -2.20 6.37 3.10
N LEU A 30 -2.06 7.48 2.40
CA LEU A 30 -3.22 8.24 1.93
C LEU A 30 -3.88 7.55 0.74
N HIS A 31 -3.06 7.08 -0.20
CA HIS A 31 -3.57 6.40 -1.39
C HIS A 31 -4.51 5.26 -1.00
N GLN A 32 -4.41 4.83 0.26
CA GLN A 32 -5.25 3.74 0.76
C GLN A 32 -6.61 4.27 1.20
N ASN A 33 -7.02 5.41 0.65
CA ASN A 33 -8.30 6.02 1.00
C ASN A 33 -9.34 5.71 -0.06
N VAL A 34 -8.92 5.70 -1.32
CA VAL A 34 -9.83 5.41 -2.42
C VAL A 34 -10.44 4.01 -2.29
N HIS A 35 -9.62 3.06 -1.86
CA HIS A 35 -10.08 1.68 -1.69
C HIS A 35 -11.24 1.61 -0.71
N VAL A 36 -11.14 2.37 0.38
CA VAL A 36 -12.18 2.40 1.39
C VAL A 36 -13.30 3.36 1.01
N GLY A 37 -14.54 2.85 0.99
CA GLY A 37 -15.67 3.68 0.64
C GLY A 37 -16.96 2.89 0.56
N GLU A 38 -16.96 1.83 -0.26
CA GLU A 38 -18.13 0.99 -0.42
C GLU A 38 -18.76 0.66 0.92
N LYS A 39 -20.09 0.65 0.96
CA LYS A 39 -20.82 0.34 2.20
C LYS A 39 -21.04 -1.16 2.35
N PRO A 40 -21.06 -1.63 3.60
CA PRO A 40 -21.26 -3.05 3.90
C PRO A 40 -22.69 -3.51 3.60
N SER A 41 -22.88 -4.82 3.55
CA SER A 41 -24.19 -5.39 3.26
C SER A 41 -25.07 -5.39 4.51
N GLY A 42 -24.52 -5.88 5.61
CA GLY A 42 -25.26 -5.93 6.86
C GLY A 42 -24.47 -6.57 7.98
N PRO A 43 -23.77 -5.74 8.76
CA PRO A 43 -22.96 -6.22 9.89
C PRO A 43 -23.80 -6.73 11.04
N SER A 44 -23.53 -7.97 11.47
CA SER A 44 -24.27 -8.58 12.55
C SER A 44 -24.53 -7.57 13.67
N SER A 45 -23.45 -6.98 14.19
CA SER A 45 -23.57 -6.01 15.27
C SER A 45 -23.55 -4.59 14.71
N GLY A 46 -24.43 -3.75 15.26
CA GLY A 46 -24.51 -2.37 14.81
C GLY A 46 -25.48 -2.18 13.65
N GLY A 1 21.19 -22.99 4.53
CA GLY A 1 20.55 -21.86 5.20
C GLY A 1 19.74 -21.01 4.24
N SER A 2 19.76 -19.71 4.45
CA SER A 2 19.02 -18.78 3.60
C SER A 2 19.90 -17.61 3.16
N SER A 3 19.72 -17.17 1.92
CA SER A 3 20.50 -16.07 1.38
C SER A 3 19.71 -14.77 1.42
N GLY A 4 20.39 -13.66 1.18
CA GLY A 4 19.72 -12.36 1.19
C GLY A 4 20.39 -11.37 0.26
N SER A 5 19.70 -11.01 -0.82
CA SER A 5 20.23 -10.06 -1.79
C SER A 5 20.34 -8.66 -1.18
N SER A 6 19.22 -8.18 -0.64
CA SER A 6 19.19 -6.85 -0.03
C SER A 6 20.47 -6.59 0.77
N GLY A 7 20.74 -5.31 1.03
CA GLY A 7 21.93 -4.95 1.78
C GLY A 7 21.65 -3.87 2.81
N MET A 8 21.27 -2.69 2.34
CA MET A 8 20.98 -1.57 3.22
C MET A 8 19.48 -1.40 3.42
N GLY A 9 18.71 -1.75 2.39
CA GLY A 9 17.26 -1.64 2.48
C GLY A 9 16.62 -1.40 1.12
N GLU A 10 15.34 -1.76 1.00
CA GLU A 10 14.62 -1.59 -0.26
C GLU A 10 13.41 -0.66 -0.06
N LYS A 11 13.56 0.58 -0.50
CA LYS A 11 12.49 1.57 -0.38
C LYS A 11 11.36 1.26 -1.35
N THR A 12 10.18 0.96 -0.80
CA THR A 12 9.02 0.65 -1.62
C THR A 12 7.78 0.46 -0.75
N TRP A 13 6.62 0.84 -1.28
CA TRP A 13 5.36 0.70 -0.56
C TRP A 13 4.28 0.10 -1.46
N LYS A 14 3.97 -1.17 -1.22
CA LYS A 14 2.96 -1.87 -2.01
C LYS A 14 1.57 -1.62 -1.43
N CYS A 15 0.55 -2.00 -2.19
CA CYS A 15 -0.83 -1.82 -1.77
C CYS A 15 -1.48 -3.17 -1.44
N ARG A 16 -2.69 -3.11 -0.89
CA ARG A 16 -3.42 -4.32 -0.54
C ARG A 16 -4.56 -4.58 -1.51
N GLU A 17 -5.10 -3.50 -2.09
CA GLU A 17 -6.19 -3.61 -3.05
C GLU A 17 -5.66 -3.75 -4.47
N CYS A 18 -5.05 -2.69 -4.97
CA CYS A 18 -4.50 -2.69 -6.32
C CYS A 18 -3.09 -3.26 -6.34
N ASP A 19 -2.57 -3.57 -5.16
CA ASP A 19 -1.22 -4.13 -5.03
C ASP A 19 -0.21 -3.27 -5.80
N MET A 20 -0.43 -1.96 -5.78
CA MET A 20 0.47 -1.04 -6.48
C MET A 20 1.66 -0.68 -5.61
N CYS A 21 2.83 -0.55 -6.24
CA CYS A 21 4.06 -0.20 -5.52
C CYS A 21 4.33 1.28 -5.60
N PHE A 22 4.80 1.86 -4.50
CA PHE A 22 5.12 3.29 -4.44
C PHE A 22 6.50 3.53 -3.84
N SER A 23 6.94 4.77 -3.87
CA SER A 23 8.25 5.13 -3.33
C SER A 23 8.11 5.87 -2.00
N GLN A 24 7.15 6.79 -1.94
CA GLN A 24 6.91 7.56 -0.73
C GLN A 24 5.85 6.90 0.14
N ALA A 25 6.14 6.77 1.43
CA ALA A 25 5.22 6.15 2.37
C ALA A 25 3.94 6.98 2.50
N SER A 26 4.10 8.29 2.70
CA SER A 26 2.98 9.19 2.85
C SER A 26 2.01 9.04 1.69
N SER A 27 2.52 8.60 0.55
CA SER A 27 1.71 8.42 -0.65
C SER A 27 0.91 7.12 -0.58
N LEU A 28 1.59 6.04 -0.21
CA LEU A 28 0.95 4.73 -0.10
C LEU A 28 -0.03 4.71 1.07
N ARG A 29 0.45 5.11 2.24
CA ARG A 29 -0.38 5.13 3.44
C ARG A 29 -1.73 5.80 3.16
N LEU A 30 -1.68 6.99 2.57
CA LEU A 30 -2.89 7.72 2.24
C LEU A 30 -3.59 7.13 1.02
N HIS A 31 -2.80 6.77 0.01
CA HIS A 31 -3.34 6.19 -1.21
C HIS A 31 -4.26 5.01 -0.88
N GLN A 32 -4.14 4.49 0.34
CA GLN A 32 -4.95 3.36 0.77
C GLN A 32 -6.33 3.84 1.24
N ASN A 33 -6.69 5.05 0.85
CA ASN A 33 -7.98 5.62 1.24
C ASN A 33 -8.85 5.87 0.02
N VAL A 34 -8.44 5.32 -1.13
CA VAL A 34 -9.18 5.49 -2.37
C VAL A 34 -10.03 4.27 -2.67
N HIS A 35 -9.58 3.11 -2.18
CA HIS A 35 -10.31 1.86 -2.39
C HIS A 35 -11.42 1.69 -1.36
N VAL A 36 -11.86 2.80 -0.78
CA VAL A 36 -12.91 2.77 0.22
C VAL A 36 -14.28 2.95 -0.42
N GLY A 37 -14.35 3.80 -1.43
CA GLY A 37 -15.61 4.04 -2.12
C GLY A 37 -16.47 2.80 -2.20
N GLU A 38 -16.24 1.97 -3.21
CA GLU A 38 -17.00 0.75 -3.40
C GLU A 38 -16.37 -0.13 -4.48
N LYS A 39 -16.48 -1.44 -4.31
CA LYS A 39 -15.92 -2.39 -5.27
C LYS A 39 -16.72 -3.68 -5.27
N PRO A 40 -16.97 -4.22 -6.48
CA PRO A 40 -17.72 -5.47 -6.65
C PRO A 40 -16.94 -6.68 -6.16
N SER A 41 -17.63 -7.82 -6.07
CA SER A 41 -17.00 -9.06 -5.61
C SER A 41 -15.67 -9.29 -6.32
N GLY A 42 -14.66 -9.67 -5.56
CA GLY A 42 -13.35 -9.92 -6.13
C GLY A 42 -13.43 -10.47 -7.55
N PRO A 43 -13.31 -9.59 -8.54
CA PRO A 43 -13.37 -9.97 -9.96
C PRO A 43 -12.15 -10.77 -10.39
N SER A 44 -10.96 -10.26 -10.07
CA SER A 44 -9.72 -10.92 -10.43
C SER A 44 -9.09 -11.60 -9.21
N SER A 45 -8.99 -10.85 -8.12
CA SER A 45 -8.41 -11.37 -6.89
C SER A 45 -9.29 -11.06 -5.69
N GLY A 46 -9.60 -9.78 -5.50
CA GLY A 46 -10.43 -9.36 -4.39
C GLY A 46 -9.62 -8.87 -3.21
N GLY A 1 13.83 -27.39 7.06
CA GLY A 1 14.56 -27.37 5.82
C GLY A 1 15.40 -26.12 5.65
N SER A 2 14.84 -25.12 4.97
CA SER A 2 15.55 -23.86 4.75
C SER A 2 14.90 -22.72 5.54
N SER A 3 15.72 -21.96 6.24
CA SER A 3 15.23 -20.84 7.04
C SER A 3 16.29 -19.75 7.16
N GLY A 4 15.84 -18.50 7.29
CA GLY A 4 16.77 -17.39 7.41
C GLY A 4 16.79 -16.52 6.17
N SER A 5 17.98 -16.02 5.82
CA SER A 5 18.14 -15.17 4.64
C SER A 5 17.03 -14.12 4.59
N SER A 6 16.85 -13.41 5.70
CA SER A 6 15.82 -12.37 5.78
C SER A 6 16.45 -10.99 5.94
N GLY A 7 15.84 -10.00 5.32
CA GLY A 7 16.35 -8.64 5.41
C GLY A 7 15.80 -7.74 4.32
N MET A 8 15.44 -6.51 4.69
CA MET A 8 14.89 -5.56 3.73
C MET A 8 15.85 -4.39 3.53
N GLY A 9 15.67 -3.66 2.43
CA GLY A 9 16.53 -2.53 2.13
C GLY A 9 15.88 -1.55 1.17
N GLU A 10 15.74 -1.97 -0.09
CA GLU A 10 15.14 -1.12 -1.11
C GLU A 10 13.82 -0.53 -0.62
N LYS A 11 13.69 0.79 -0.73
CA LYS A 11 12.48 1.48 -0.31
C LYS A 11 11.33 1.23 -1.28
N THR A 12 10.17 0.91 -0.75
CA THR A 12 8.99 0.64 -1.57
C THR A 12 7.76 0.38 -0.71
N TRP A 13 6.60 0.79 -1.21
CA TRP A 13 5.35 0.61 -0.49
C TRP A 13 4.26 0.05 -1.41
N LYS A 14 3.97 -1.24 -1.24
CA LYS A 14 2.96 -1.90 -2.06
C LYS A 14 1.56 -1.71 -1.44
N CYS A 15 0.53 -1.96 -2.25
CA CYS A 15 -0.85 -1.82 -1.78
C CYS A 15 -1.45 -3.19 -1.47
N ARG A 16 -2.61 -3.18 -0.82
CA ARG A 16 -3.29 -4.42 -0.47
C ARG A 16 -4.41 -4.73 -1.46
N GLU A 17 -4.91 -3.70 -2.13
CA GLU A 17 -5.98 -3.87 -3.10
C GLU A 17 -5.42 -3.95 -4.52
N CYS A 18 -4.97 -2.81 -5.03
CA CYS A 18 -4.41 -2.76 -6.38
C CYS A 18 -2.98 -3.30 -6.40
N ASP A 19 -2.46 -3.61 -5.22
CA ASP A 19 -1.11 -4.14 -5.09
C ASP A 19 -0.11 -3.29 -5.88
N MET A 20 -0.30 -1.97 -5.84
CA MET A 20 0.57 -1.05 -6.55
C MET A 20 1.78 -0.68 -5.69
N CYS A 21 2.94 -0.61 -6.32
CA CYS A 21 4.18 -0.27 -5.62
C CYS A 21 4.43 1.24 -5.68
N PHE A 22 4.83 1.80 -4.54
CA PHE A 22 5.11 3.23 -4.47
C PHE A 22 6.51 3.49 -3.91
N SER A 23 6.88 4.75 -3.81
CA SER A 23 8.20 5.13 -3.30
C SER A 23 8.07 5.87 -1.97
N GLN A 24 7.10 6.77 -1.89
CA GLN A 24 6.87 7.54 -0.67
C GLN A 24 5.81 6.88 0.21
N ALA A 25 6.14 6.66 1.47
CA ALA A 25 5.22 6.04 2.41
C ALA A 25 3.96 6.88 2.59
N SER A 26 4.15 8.19 2.73
CA SER A 26 3.03 9.11 2.91
C SER A 26 2.05 9.01 1.75
N SER A 27 2.56 8.68 0.57
CA SER A 27 1.74 8.55 -0.62
C SER A 27 0.94 7.25 -0.59
N LEU A 28 1.61 6.16 -0.23
CA LEU A 28 0.97 4.85 -0.17
C LEU A 28 -0.05 4.80 0.97
N ARG A 29 0.37 5.21 2.15
CA ARG A 29 -0.51 5.22 3.32
C ARG A 29 -1.82 5.93 3.01
N LEU A 30 -1.71 7.15 2.50
CA LEU A 30 -2.88 7.94 2.16
C LEU A 30 -3.58 7.38 0.92
N HIS A 31 -2.79 6.79 0.02
CA HIS A 31 -3.34 6.21 -1.21
C HIS A 31 -4.28 5.06 -0.89
N GLN A 32 -4.15 4.51 0.31
CA GLN A 32 -4.99 3.39 0.74
C GLN A 32 -6.32 3.90 1.30
N ASN A 33 -6.73 5.08 0.86
CA ASN A 33 -7.97 5.67 1.31
C ASN A 33 -9.05 5.58 0.23
N VAL A 34 -8.62 5.56 -1.03
CA VAL A 34 -9.54 5.48 -2.15
C VAL A 34 -10.24 4.12 -2.18
N HIS A 35 -9.50 3.08 -1.82
CA HIS A 35 -10.06 1.72 -1.80
C HIS A 35 -11.05 1.55 -0.65
N VAL A 36 -10.57 1.80 0.56
CA VAL A 36 -11.40 1.68 1.76
C VAL A 36 -12.59 2.64 1.69
N GLY A 37 -13.79 2.09 1.83
CA GLY A 37 -14.99 2.91 1.79
C GLY A 37 -16.26 2.09 1.77
N GLU A 38 -16.98 2.13 0.66
CA GLU A 38 -18.22 1.39 0.52
C GLU A 38 -19.27 1.88 1.52
N LYS A 39 -19.29 3.18 1.74
CA LYS A 39 -20.24 3.78 2.67
C LYS A 39 -21.59 3.06 2.62
N PRO A 40 -22.03 2.55 3.78
CA PRO A 40 -23.31 1.83 3.89
C PRO A 40 -24.51 2.76 3.72
N SER A 41 -25.36 2.44 2.74
CA SER A 41 -26.54 3.24 2.48
C SER A 41 -27.52 3.17 3.64
N GLY A 42 -27.61 1.98 4.26
CA GLY A 42 -28.52 1.80 5.38
C GLY A 42 -28.60 3.03 6.26
N PRO A 43 -27.53 3.30 7.02
CA PRO A 43 -27.48 4.45 7.93
C PRO A 43 -27.39 5.77 7.17
N SER A 44 -27.69 6.86 7.87
CA SER A 44 -27.66 8.19 7.26
C SER A 44 -26.22 8.70 7.18
N SER A 45 -26.01 9.73 6.35
CA SER A 45 -24.70 10.31 6.17
C SER A 45 -24.47 11.46 7.14
N GLY A 46 -23.20 11.67 7.53
CA GLY A 46 -22.88 12.74 8.45
C GLY A 46 -23.29 12.43 9.87
N GLY A 1 17.20 -22.97 12.15
CA GLY A 1 17.07 -23.01 10.70
C GLY A 1 15.81 -22.33 10.20
N SER A 2 15.34 -22.76 9.03
CA SER A 2 14.15 -22.19 8.44
C SER A 2 14.12 -20.66 8.62
N SER A 3 15.27 -20.03 8.42
CA SER A 3 15.38 -18.59 8.56
C SER A 3 16.53 -18.05 7.73
N GLY A 4 16.20 -17.26 6.72
CA GLY A 4 17.22 -16.69 5.85
C GLY A 4 16.62 -15.83 4.74
N SER A 5 16.70 -14.51 4.92
CA SER A 5 16.16 -13.58 3.93
C SER A 5 17.21 -12.55 3.53
N SER A 6 17.41 -12.40 2.23
CA SER A 6 18.39 -11.44 1.71
C SER A 6 18.23 -10.08 2.39
N GLY A 7 17.01 -9.56 2.35
CA GLY A 7 16.73 -8.27 2.96
C GLY A 7 15.84 -7.40 2.10
N MET A 8 15.31 -6.33 2.68
CA MET A 8 14.42 -5.42 1.96
C MET A 8 15.19 -4.68 0.86
N GLY A 9 16.38 -4.18 1.20
CA GLY A 9 17.18 -3.46 0.23
C GLY A 9 16.63 -2.08 -0.05
N GLU A 10 16.07 -1.89 -1.25
CA GLU A 10 15.51 -0.61 -1.64
C GLU A 10 14.09 -0.43 -1.10
N LYS A 11 13.86 0.68 -0.41
CA LYS A 11 12.55 0.96 0.16
C LYS A 11 11.44 0.65 -0.84
N THR A 12 10.39 -0.01 -0.35
CA THR A 12 9.26 -0.36 -1.21
C THR A 12 7.95 -0.28 -0.45
N TRP A 13 7.05 0.57 -0.91
CA TRP A 13 5.75 0.74 -0.27
C TRP A 13 4.62 0.54 -1.28
N LYS A 14 4.10 -0.68 -1.34
CA LYS A 14 3.01 -1.01 -2.25
C LYS A 14 1.74 -1.35 -1.49
N CYS A 15 0.61 -1.33 -2.17
CA CYS A 15 -0.67 -1.65 -1.56
C CYS A 15 -0.90 -3.15 -1.52
N ARG A 16 -2.06 -3.55 -1.00
CA ARG A 16 -2.40 -4.97 -0.88
C ARG A 16 -3.37 -5.38 -1.99
N GLU A 17 -4.49 -4.66 -2.07
CA GLU A 17 -5.51 -4.96 -3.08
C GLU A 17 -4.96 -4.72 -4.49
N CYS A 18 -4.75 -3.46 -4.84
CA CYS A 18 -4.23 -3.11 -6.15
C CYS A 18 -2.78 -3.56 -6.31
N ASP A 19 -2.16 -3.92 -5.19
CA ASP A 19 -0.77 -4.37 -5.20
C ASP A 19 0.12 -3.37 -5.95
N MET A 20 -0.31 -2.12 -5.99
CA MET A 20 0.45 -1.08 -6.67
C MET A 20 1.57 -0.56 -5.78
N CYS A 21 2.75 -0.40 -6.35
CA CYS A 21 3.91 0.09 -5.61
C CYS A 21 3.95 1.62 -5.61
N PHE A 22 4.46 2.19 -4.52
CA PHE A 22 4.54 3.64 -4.40
C PHE A 22 5.95 4.06 -3.96
N SER A 23 6.56 4.94 -4.73
CA SER A 23 7.91 5.42 -4.44
C SER A 23 7.98 5.97 -3.01
N GLN A 24 6.95 6.71 -2.62
CA GLN A 24 6.90 7.29 -1.28
C GLN A 24 6.06 6.43 -0.35
N ALA A 25 6.40 6.46 0.94
CA ALA A 25 5.68 5.68 1.94
C ALA A 25 4.41 6.39 2.38
N SER A 26 4.52 7.68 2.68
CA SER A 26 3.38 8.47 3.12
C SER A 26 2.27 8.43 2.08
N SER A 27 2.64 8.64 0.82
CA SER A 27 1.67 8.63 -0.27
C SER A 27 0.86 7.34 -0.28
N LEU A 28 1.52 6.24 0.07
CA LEU A 28 0.86 4.93 0.10
C LEU A 28 -0.22 4.90 1.16
N ARG A 29 0.11 5.40 2.35
CA ARG A 29 -0.84 5.43 3.46
C ARG A 29 -2.12 6.15 3.07
N LEU A 30 -1.96 7.36 2.52
CA LEU A 30 -3.10 8.16 2.10
C LEU A 30 -3.86 7.48 0.97
N HIS A 31 -3.13 7.07 -0.07
CA HIS A 31 -3.74 6.40 -1.21
C HIS A 31 -4.78 5.38 -0.75
N GLN A 32 -4.38 4.50 0.17
CA GLN A 32 -5.26 3.47 0.69
C GLN A 32 -6.70 3.99 0.77
N ASN A 33 -6.86 5.27 1.10
CA ASN A 33 -8.17 5.88 1.21
C ASN A 33 -9.05 5.48 0.03
N VAL A 34 -8.52 5.68 -1.19
CA VAL A 34 -9.27 5.35 -2.39
C VAL A 34 -10.06 4.06 -2.21
N HIS A 35 -9.49 3.10 -1.50
CA HIS A 35 -10.15 1.83 -1.26
C HIS A 35 -11.23 1.98 -0.19
N VAL A 36 -10.86 2.53 0.95
CA VAL A 36 -11.80 2.73 2.05
C VAL A 36 -13.18 3.11 1.53
N GLY A 37 -13.22 4.04 0.59
CA GLY A 37 -14.48 4.48 0.01
C GLY A 37 -14.58 4.18 -1.46
N GLU A 38 -15.34 5.00 -2.18
CA GLU A 38 -15.52 4.81 -3.62
C GLU A 38 -14.61 5.74 -4.40
N LYS A 39 -14.64 5.61 -5.73
CA LYS A 39 -13.82 6.45 -6.60
C LYS A 39 -14.47 7.80 -6.84
N PRO A 40 -13.76 8.87 -6.44
CA PRO A 40 -14.25 10.24 -6.60
C PRO A 40 -14.27 10.69 -8.06
N SER A 41 -14.63 11.95 -8.29
CA SER A 41 -14.70 12.48 -9.64
C SER A 41 -13.39 13.17 -10.02
N GLY A 42 -12.29 12.69 -9.44
CA GLY A 42 -10.98 13.26 -9.72
C GLY A 42 -10.43 12.80 -11.05
N PRO A 43 -9.89 11.58 -11.07
CA PRO A 43 -9.30 10.99 -12.28
C PRO A 43 -10.36 10.64 -13.33
N SER A 44 -10.20 11.20 -14.52
CA SER A 44 -11.14 10.95 -15.61
C SER A 44 -11.20 9.47 -15.95
N SER A 45 -12.39 9.00 -16.32
CA SER A 45 -12.58 7.59 -16.66
C SER A 45 -11.60 7.16 -17.75
N GLY A 46 -11.33 5.86 -17.80
CA GLY A 46 -10.41 5.33 -18.79
C GLY A 46 -10.54 3.84 -18.97
N GLY A 1 40.51 -4.81 2.67
CA GLY A 1 39.18 -5.31 3.00
C GLY A 1 38.44 -5.84 1.78
N SER A 2 37.12 -5.69 1.78
CA SER A 2 36.30 -6.16 0.68
C SER A 2 35.57 -5.01 0.01
N SER A 3 35.70 -4.91 -1.30
CA SER A 3 35.06 -3.84 -2.07
C SER A 3 33.61 -3.66 -1.63
N GLY A 4 32.98 -2.59 -2.11
CA GLY A 4 31.60 -2.33 -1.75
C GLY A 4 30.61 -3.07 -2.64
N SER A 5 29.35 -2.65 -2.61
CA SER A 5 28.32 -3.29 -3.41
C SER A 5 27.23 -2.29 -3.80
N SER A 6 26.57 -2.54 -4.92
CA SER A 6 25.51 -1.67 -5.39
C SER A 6 24.14 -2.15 -4.92
N GLY A 7 23.79 -1.79 -3.69
CA GLY A 7 22.51 -2.20 -3.14
C GLY A 7 22.35 -1.82 -1.68
N MET A 8 21.69 -0.69 -1.43
CA MET A 8 21.48 -0.22 -0.07
C MET A 8 20.00 -0.21 0.27
N GLY A 9 19.29 -1.25 -0.13
CA GLY A 9 17.87 -1.34 0.14
C GLY A 9 17.05 -0.43 -0.75
N GLU A 10 16.17 -1.02 -1.55
CA GLU A 10 15.32 -0.25 -2.46
C GLU A 10 14.02 0.16 -1.78
N LYS A 11 13.69 1.44 -1.86
CA LYS A 11 12.48 1.97 -1.25
C LYS A 11 11.26 1.65 -2.11
N THR A 12 10.20 1.18 -1.47
CA THR A 12 8.96 0.84 -2.18
C THR A 12 7.86 0.45 -1.21
N TRP A 13 6.62 0.77 -1.56
CA TRP A 13 5.47 0.44 -0.71
C TRP A 13 4.31 -0.08 -1.55
N LYS A 14 4.08 -1.39 -1.49
CA LYS A 14 2.99 -2.00 -2.24
C LYS A 14 1.67 -1.87 -1.50
N CYS A 15 0.59 -1.73 -2.26
CA CYS A 15 -0.74 -1.60 -1.67
C CYS A 15 -1.27 -2.94 -1.18
N ARG A 16 -2.46 -2.94 -0.59
CA ARG A 16 -3.07 -4.16 -0.08
C ARG A 16 -4.06 -4.74 -1.10
N GLU A 17 -4.76 -3.85 -1.79
CA GLU A 17 -5.74 -4.28 -2.79
C GLU A 17 -5.12 -4.32 -4.19
N CYS A 18 -4.87 -3.15 -4.76
CA CYS A 18 -4.29 -3.06 -6.09
C CYS A 18 -2.82 -3.50 -6.06
N ASP A 19 -2.28 -3.69 -4.86
CA ASP A 19 -0.90 -4.11 -4.70
C ASP A 19 0.04 -3.21 -5.50
N MET A 20 -0.35 -1.95 -5.67
CA MET A 20 0.45 -1.00 -6.41
C MET A 20 1.67 -0.57 -5.61
N CYS A 21 2.83 -0.53 -6.26
CA CYS A 21 4.07 -0.14 -5.60
C CYS A 21 4.25 1.37 -5.63
N PHE A 22 4.71 1.94 -4.52
CA PHE A 22 4.91 3.38 -4.42
C PHE A 22 6.37 3.69 -4.09
N SER A 23 6.66 4.98 -3.87
CA SER A 23 8.01 5.41 -3.54
C SER A 23 8.07 5.94 -2.12
N GLN A 24 7.07 6.73 -1.74
CA GLN A 24 7.02 7.31 -0.39
C GLN A 24 5.90 6.66 0.42
N ALA A 25 6.24 6.22 1.63
CA ALA A 25 5.28 5.59 2.51
C ALA A 25 4.04 6.46 2.69
N SER A 26 4.25 7.73 3.00
CA SER A 26 3.16 8.67 3.21
C SER A 26 2.19 8.63 2.01
N SER A 27 2.75 8.65 0.81
CA SER A 27 1.95 8.64 -0.41
C SER A 27 1.05 7.40 -0.43
N LEU A 28 1.62 6.25 -0.11
CA LEU A 28 0.87 5.00 -0.10
C LEU A 28 -0.20 5.02 0.99
N ARG A 29 0.21 5.36 2.20
CA ARG A 29 -0.72 5.42 3.33
C ARG A 29 -2.00 6.16 2.95
N LEU A 30 -1.84 7.33 2.35
CA LEU A 30 -2.99 8.14 1.94
C LEU A 30 -3.69 7.51 0.74
N HIS A 31 -2.90 6.95 -0.17
CA HIS A 31 -3.45 6.31 -1.37
C HIS A 31 -4.35 5.14 -0.99
N GLN A 32 -4.24 4.69 0.26
CA GLN A 32 -5.06 3.58 0.74
C GLN A 32 -6.43 4.05 1.18
N ASN A 33 -6.81 5.24 0.71
CA ASN A 33 -8.11 5.82 1.06
C ASN A 33 -9.13 5.56 -0.05
N VAL A 34 -8.65 5.48 -1.27
CA VAL A 34 -9.52 5.23 -2.42
C VAL A 34 -10.23 3.89 -2.30
N HIS A 35 -9.55 2.92 -1.69
CA HIS A 35 -10.12 1.59 -1.51
C HIS A 35 -10.90 1.51 -0.20
N VAL A 36 -11.56 2.60 0.15
CA VAL A 36 -12.35 2.67 1.38
C VAL A 36 -13.80 3.01 1.09
N GLY A 37 -14.00 3.97 0.19
CA GLY A 37 -15.35 4.38 -0.17
C GLY A 37 -15.38 5.71 -0.86
N GLU A 38 -14.81 5.79 -2.06
CA GLU A 38 -14.77 7.02 -2.82
C GLU A 38 -15.46 6.85 -4.18
N LYS A 39 -15.29 5.67 -4.76
CA LYS A 39 -15.89 5.37 -6.06
C LYS A 39 -17.14 4.50 -5.91
N PRO A 40 -18.13 4.73 -6.77
CA PRO A 40 -19.39 3.97 -6.75
C PRO A 40 -19.20 2.53 -7.19
N SER A 41 -20.21 1.70 -6.92
CA SER A 41 -20.16 0.30 -7.29
C SER A 41 -20.66 0.09 -8.71
N GLY A 42 -19.76 -0.36 -9.59
CA GLY A 42 -20.13 -0.58 -10.98
C GLY A 42 -21.06 0.48 -11.51
N PRO A 43 -20.54 1.71 -11.67
CA PRO A 43 -21.30 2.85 -12.17
C PRO A 43 -21.63 2.71 -13.65
N SER A 44 -22.23 3.75 -14.22
CA SER A 44 -22.60 3.74 -15.63
C SER A 44 -23.23 2.40 -16.03
N SER A 45 -24.09 1.89 -15.16
CA SER A 45 -24.75 0.61 -15.41
C SER A 45 -25.60 0.68 -16.68
N GLY A 46 -25.88 -0.49 -17.25
CA GLY A 46 -26.67 -0.54 -18.47
C GLY A 46 -25.87 -1.03 -19.67
N GLY A 1 14.80 -14.93 19.90
CA GLY A 1 13.79 -13.89 19.77
C GLY A 1 14.26 -12.74 18.91
N SER A 2 15.44 -12.21 19.21
CA SER A 2 15.98 -11.09 18.45
C SER A 2 17.40 -11.39 17.98
N SER A 3 17.72 -10.97 16.76
CA SER A 3 19.03 -11.20 16.19
C SER A 3 19.77 -9.89 15.99
N GLY A 4 21.06 -9.88 16.35
CA GLY A 4 21.86 -8.68 16.21
C GLY A 4 21.66 -8.01 14.87
N SER A 5 21.30 -8.79 13.86
CA SER A 5 21.07 -8.27 12.52
C SER A 5 19.63 -7.82 12.34
N SER A 6 19.14 -7.01 13.28
CA SER A 6 17.77 -6.51 13.22
C SER A 6 17.64 -5.41 12.18
N GLY A 7 16.49 -5.41 11.49
CA GLY A 7 16.26 -4.39 10.46
C GLY A 7 14.79 -4.08 10.30
N MET A 8 14.49 -3.03 9.55
CA MET A 8 13.11 -2.62 9.32
C MET A 8 12.59 -3.21 8.00
N GLY A 9 13.22 -2.82 6.90
CA GLY A 9 12.80 -3.32 5.60
C GLY A 9 13.20 -2.39 4.46
N GLU A 10 13.35 -2.96 3.27
CA GLU A 10 13.73 -2.18 2.10
C GLU A 10 12.71 -1.09 1.80
N LYS A 11 13.18 0.03 1.27
CA LYS A 11 12.30 1.15 0.93
C LYS A 11 11.39 0.79 -0.24
N THR A 12 10.27 0.15 0.06
CA THR A 12 9.31 -0.25 -0.96
C THR A 12 7.90 -0.37 -0.38
N TRP A 13 7.06 0.60 -0.69
CA TRP A 13 5.68 0.60 -0.20
C TRP A 13 4.70 0.32 -1.34
N LYS A 14 4.12 -0.88 -1.33
CA LYS A 14 3.16 -1.26 -2.36
C LYS A 14 1.87 -1.77 -1.74
N CYS A 15 0.75 -1.23 -2.19
CA CYS A 15 -0.56 -1.64 -1.68
C CYS A 15 -0.74 -3.16 -1.77
N ARG A 16 -1.75 -3.67 -1.08
CA ARG A 16 -2.03 -5.10 -1.08
C ARG A 16 -3.16 -5.43 -2.04
N GLU A 17 -4.15 -4.54 -2.10
CA GLU A 17 -5.30 -4.75 -2.98
C GLU A 17 -4.90 -4.58 -4.44
N CYS A 18 -4.66 -3.34 -4.85
CA CYS A 18 -4.27 -3.06 -6.23
C CYS A 18 -2.85 -3.54 -6.51
N ASP A 19 -2.18 -4.02 -5.46
CA ASP A 19 -0.82 -4.52 -5.59
C ASP A 19 0.08 -3.50 -6.30
N MET A 20 -0.30 -2.23 -6.19
CA MET A 20 0.46 -1.15 -6.81
C MET A 20 1.64 -0.73 -5.93
N CYS A 21 2.76 -0.42 -6.57
CA CYS A 21 3.96 -0.01 -5.84
C CYS A 21 4.11 1.51 -5.87
N PHE A 22 4.69 2.06 -4.80
CA PHE A 22 4.89 3.50 -4.70
C PHE A 22 6.34 3.82 -4.37
N SER A 23 6.66 5.12 -4.29
CA SER A 23 8.02 5.55 -3.98
C SER A 23 8.11 6.05 -2.55
N GLN A 24 7.10 6.81 -2.12
CA GLN A 24 7.07 7.36 -0.78
C GLN A 24 5.95 6.72 0.04
N ALA A 25 6.33 6.10 1.16
CA ALA A 25 5.35 5.44 2.04
C ALA A 25 4.21 6.39 2.37
N SER A 26 4.54 7.62 2.71
CA SER A 26 3.52 8.62 3.05
C SER A 26 2.44 8.68 1.99
N SER A 27 2.85 8.68 0.73
CA SER A 27 1.91 8.74 -0.39
C SER A 27 0.97 7.53 -0.37
N LEU A 28 1.51 6.38 -0.01
CA LEU A 28 0.72 5.15 0.05
C LEU A 28 -0.34 5.24 1.14
N ARG A 29 0.08 5.61 2.35
CA ARG A 29 -0.84 5.72 3.47
C ARG A 29 -2.11 6.43 3.06
N LEU A 30 -1.97 7.56 2.37
CA LEU A 30 -3.12 8.34 1.91
C LEU A 30 -3.83 7.62 0.78
N HIS A 31 -3.06 6.93 -0.06
CA HIS A 31 -3.64 6.20 -1.20
C HIS A 31 -4.60 5.12 -0.71
N GLN A 32 -4.52 4.80 0.58
CA GLN A 32 -5.38 3.78 1.16
C GLN A 32 -6.74 4.37 1.54
N ASN A 33 -7.08 5.50 0.94
CA ASN A 33 -8.35 6.17 1.21
C ASN A 33 -9.40 5.78 0.17
N VAL A 34 -8.94 5.25 -0.95
CA VAL A 34 -9.84 4.83 -2.02
C VAL A 34 -10.37 3.42 -1.78
N HIS A 35 -9.55 2.59 -1.15
CA HIS A 35 -9.93 1.20 -0.85
C HIS A 35 -10.86 1.15 0.36
N VAL A 36 -10.34 1.53 1.52
CA VAL A 36 -11.13 1.53 2.75
C VAL A 36 -12.58 1.89 2.47
N GLY A 37 -13.50 1.02 2.90
CA GLY A 37 -14.92 1.27 2.68
C GLY A 37 -15.52 0.32 1.68
N GLU A 38 -16.70 -0.21 2.00
CA GLU A 38 -17.39 -1.14 1.11
C GLU A 38 -18.64 -0.50 0.52
N LYS A 39 -19.24 -1.18 -0.46
CA LYS A 39 -20.44 -0.68 -1.11
C LYS A 39 -21.40 -1.83 -1.44
N PRO A 40 -22.71 -1.53 -1.40
CA PRO A 40 -23.75 -2.52 -1.70
C PRO A 40 -23.77 -2.92 -3.17
N SER A 41 -24.57 -3.93 -3.50
CA SER A 41 -24.69 -4.40 -4.87
C SER A 41 -25.70 -3.57 -5.65
N GLY A 42 -25.53 -2.25 -5.60
CA GLY A 42 -26.44 -1.37 -6.31
C GLY A 42 -27.83 -1.36 -5.71
N PRO A 43 -28.19 -0.27 -5.03
CA PRO A 43 -29.50 -0.12 -4.39
C PRO A 43 -30.63 0.03 -5.40
N SER A 44 -31.86 0.09 -4.90
CA SER A 44 -33.02 0.22 -5.77
C SER A 44 -33.17 1.67 -6.26
N SER A 45 -33.34 1.84 -7.56
CA SER A 45 -33.49 3.16 -8.15
C SER A 45 -34.96 3.45 -8.46
N GLY A 46 -35.57 2.59 -9.27
CA GLY A 46 -36.97 2.77 -9.63
C GLY A 46 -37.13 3.49 -10.96
N GLY A 1 25.36 -21.55 5.71
CA GLY A 1 25.79 -20.48 4.82
C GLY A 1 25.38 -19.11 5.33
N SER A 2 24.93 -18.26 4.41
CA SER A 2 24.51 -16.90 4.78
C SER A 2 23.05 -16.89 5.20
N SER A 3 22.20 -17.55 4.41
CA SER A 3 20.78 -17.61 4.70
C SER A 3 20.25 -16.23 5.08
N GLY A 4 20.68 -15.21 4.35
CA GLY A 4 20.24 -13.85 4.61
C GLY A 4 19.04 -13.46 3.78
N SER A 5 18.29 -12.47 4.25
CA SER A 5 17.10 -12.01 3.55
C SER A 5 17.24 -10.54 3.15
N SER A 6 17.70 -9.72 4.09
CA SER A 6 17.88 -8.29 3.85
C SER A 6 19.04 -7.74 4.68
N GLY A 7 20.10 -7.31 4.00
CA GLY A 7 21.25 -6.77 4.69
C GLY A 7 20.99 -5.39 5.27
N MET A 8 21.59 -4.37 4.66
CA MET A 8 21.41 -3.00 5.12
C MET A 8 19.94 -2.70 5.42
N GLY A 9 19.10 -2.85 4.40
CA GLY A 9 17.68 -2.60 4.58
C GLY A 9 16.93 -2.60 3.25
N GLU A 10 15.60 -2.42 3.34
CA GLU A 10 14.77 -2.41 2.14
C GLU A 10 13.72 -1.32 2.22
N LYS A 11 13.31 -0.79 1.07
CA LYS A 11 12.30 0.25 1.01
C LYS A 11 11.31 0.00 -0.11
N THR A 12 10.10 -0.42 0.25
CA THR A 12 9.06 -0.70 -0.73
C THR A 12 7.67 -0.52 -0.13
N TRP A 13 6.96 0.51 -0.58
CA TRP A 13 5.63 0.79 -0.08
C TRP A 13 4.58 0.52 -1.15
N LYS A 14 4.24 -0.75 -1.33
CA LYS A 14 3.25 -1.14 -2.32
C LYS A 14 1.93 -1.54 -1.65
N CYS A 15 0.82 -1.29 -2.34
CA CYS A 15 -0.50 -1.61 -1.82
C CYS A 15 -0.76 -3.11 -1.91
N ARG A 16 -1.51 -3.63 -0.94
CA ARG A 16 -1.84 -5.05 -0.90
C ARG A 16 -3.31 -5.27 -1.26
N GLU A 17 -3.84 -4.42 -2.12
CA GLU A 17 -5.24 -4.53 -2.54
C GLU A 17 -5.36 -4.34 -4.05
N CYS A 18 -4.82 -3.25 -4.56
CA CYS A 18 -4.87 -2.95 -5.98
C CYS A 18 -3.65 -3.52 -6.70
N ASP A 19 -2.64 -3.91 -5.93
CA ASP A 19 -1.41 -4.47 -6.49
C ASP A 19 -0.56 -3.37 -7.11
N MET A 20 -0.46 -2.24 -6.43
CA MET A 20 0.33 -1.12 -6.91
C MET A 20 1.56 -0.90 -6.04
N CYS A 21 2.55 -0.19 -6.58
CA CYS A 21 3.78 0.08 -5.86
C CYS A 21 4.02 1.58 -5.74
N PHE A 22 4.58 1.99 -4.61
CA PHE A 22 4.86 3.40 -4.35
C PHE A 22 6.21 3.58 -3.69
N SER A 23 6.86 4.72 -3.96
CA SER A 23 8.16 5.01 -3.38
C SER A 23 8.06 6.10 -2.32
N GLN A 24 6.90 6.20 -1.68
CA GLN A 24 6.67 7.20 -0.65
C GLN A 24 5.64 6.72 0.36
N ALA A 25 6.10 6.42 1.57
CA ALA A 25 5.21 5.96 2.63
C ALA A 25 3.98 6.85 2.76
N SER A 26 4.21 8.16 2.81
CA SER A 26 3.13 9.13 2.94
C SER A 26 2.16 9.01 1.77
N SER A 27 2.70 8.89 0.56
CA SER A 27 1.87 8.78 -0.64
C SER A 27 0.96 7.56 -0.55
N LEU A 28 1.52 6.45 -0.09
CA LEU A 28 0.75 5.21 0.04
C LEU A 28 -0.25 5.31 1.18
N ARG A 29 0.13 6.02 2.24
CA ARG A 29 -0.73 6.20 3.40
C ARG A 29 -2.04 6.90 3.01
N LEU A 30 -1.95 7.81 2.04
CA LEU A 30 -3.13 8.54 1.58
C LEU A 30 -3.87 7.75 0.49
N HIS A 31 -3.10 7.12 -0.39
CA HIS A 31 -3.69 6.34 -1.48
C HIS A 31 -4.45 5.14 -0.94
N GLN A 32 -3.85 4.45 0.03
CA GLN A 32 -4.48 3.28 0.63
C GLN A 32 -5.87 3.61 1.14
N ASN A 33 -6.16 4.90 1.26
CA ASN A 33 -7.46 5.36 1.73
C ASN A 33 -8.49 5.32 0.60
N VAL A 34 -8.16 4.63 -0.48
CA VAL A 34 -9.05 4.52 -1.62
C VAL A 34 -9.82 3.20 -1.59
N HIS A 35 -9.30 2.24 -0.83
CA HIS A 35 -9.94 0.93 -0.72
C HIS A 35 -10.63 0.78 0.64
N VAL A 36 -11.11 1.90 1.18
CA VAL A 36 -11.79 1.89 2.47
C VAL A 36 -12.80 3.03 2.57
N GLY A 37 -13.90 2.77 3.26
CA GLY A 37 -14.93 3.78 3.42
C GLY A 37 -14.35 5.15 3.76
N GLU A 38 -14.85 6.18 3.09
CA GLU A 38 -14.38 7.54 3.34
C GLU A 38 -15.03 8.14 4.57
N LYS A 39 -15.10 7.35 5.64
CA LYS A 39 -15.70 7.79 6.89
C LYS A 39 -14.64 8.39 7.82
N PRO A 40 -14.69 9.71 7.99
CA PRO A 40 -13.75 10.44 8.86
C PRO A 40 -13.96 10.12 10.34
N SER A 41 -12.90 10.25 11.12
CA SER A 41 -12.96 9.98 12.55
C SER A 41 -13.11 11.28 13.35
N GLY A 42 -14.34 11.76 13.47
CA GLY A 42 -14.60 12.98 14.19
C GLY A 42 -14.04 14.20 13.49
N PRO A 43 -14.57 14.49 12.29
CA PRO A 43 -14.12 15.64 11.48
C PRO A 43 -14.55 16.97 12.09
N SER A 44 -15.69 16.96 12.77
CA SER A 44 -16.22 18.18 13.40
C SER A 44 -16.21 18.04 14.92
N SER A 45 -16.51 19.14 15.61
CA SER A 45 -16.54 19.15 17.06
C SER A 45 -17.84 18.53 17.58
N GLY A 46 -17.72 17.70 18.62
CA GLY A 46 -18.89 17.07 19.19
C GLY A 46 -18.65 16.56 20.60
N GLY A 1 32.32 -18.97 12.42
CA GLY A 1 31.76 -18.36 11.24
C GLY A 1 30.34 -18.81 10.96
N SER A 2 29.39 -17.88 11.07
CA SER A 2 27.99 -18.19 10.83
C SER A 2 27.34 -17.13 9.95
N SER A 3 26.18 -17.46 9.40
CA SER A 3 25.45 -16.55 8.52
C SER A 3 25.05 -15.28 9.28
N GLY A 4 25.00 -14.16 8.56
CA GLY A 4 24.62 -12.90 9.19
C GLY A 4 23.23 -12.45 8.78
N SER A 5 23.02 -11.14 8.75
CA SER A 5 21.73 -10.57 8.39
C SER A 5 21.62 -10.41 6.88
N SER A 6 20.74 -11.21 6.28
CA SER A 6 20.53 -11.15 4.83
C SER A 6 19.11 -10.75 4.50
N GLY A 7 18.91 -9.46 4.22
CA GLY A 7 17.58 -8.97 3.89
C GLY A 7 17.27 -7.66 4.58
N MET A 8 17.56 -6.55 3.91
CA MET A 8 17.31 -5.23 4.48
C MET A 8 16.05 -4.61 3.87
N GLY A 9 15.23 -4.01 4.71
CA GLY A 9 14.00 -3.39 4.23
C GLY A 9 14.24 -1.99 3.67
N GLU A 10 13.90 -1.80 2.40
CA GLU A 10 14.08 -0.50 1.75
C GLU A 10 12.75 0.21 1.58
N LYS A 11 12.80 1.44 1.09
CA LYS A 11 11.59 2.24 0.87
C LYS A 11 10.70 1.59 -0.18
N THR A 12 9.92 0.59 0.22
CA THR A 12 9.02 -0.10 -0.68
C THR A 12 7.64 -0.26 -0.07
N TRP A 13 6.72 0.63 -0.45
CA TRP A 13 5.35 0.57 0.07
C TRP A 13 4.39 0.03 -0.99
N LYS A 14 4.40 -1.28 -1.16
CA LYS A 14 3.51 -1.93 -2.13
C LYS A 14 2.12 -2.13 -1.56
N CYS A 15 1.14 -2.26 -2.44
CA CYS A 15 -0.25 -2.46 -2.02
C CYS A 15 -0.78 -3.80 -2.52
N ARG A 16 -1.10 -4.68 -1.59
CA ARG A 16 -1.62 -6.01 -1.93
C ARG A 16 -3.13 -5.97 -2.09
N GLU A 17 -3.65 -4.85 -2.59
CA GLU A 17 -5.08 -4.69 -2.79
C GLU A 17 -5.38 -4.25 -4.22
N CYS A 18 -4.46 -3.49 -4.80
CA CYS A 18 -4.62 -2.99 -6.16
C CYS A 18 -3.41 -3.34 -7.03
N ASP A 19 -2.37 -3.84 -6.38
CA ASP A 19 -1.15 -4.22 -7.09
C ASP A 19 -0.41 -2.98 -7.60
N MET A 20 -0.13 -2.05 -6.70
CA MET A 20 0.57 -0.82 -7.06
C MET A 20 1.69 -0.52 -6.07
N CYS A 21 2.90 -0.39 -6.59
CA CYS A 21 4.06 -0.10 -5.76
C CYS A 21 4.19 1.38 -5.49
N PHE A 22 4.51 1.73 -4.25
CA PHE A 22 4.66 3.13 -3.86
C PHE A 22 5.98 3.36 -3.14
N SER A 23 6.87 4.13 -3.75
CA SER A 23 8.18 4.42 -3.17
C SER A 23 8.09 5.61 -2.21
N GLN A 24 6.87 5.95 -1.82
CA GLN A 24 6.64 7.07 -0.91
C GLN A 24 5.63 6.71 0.17
N ALA A 25 6.11 6.55 1.40
CA ALA A 25 5.25 6.21 2.52
C ALA A 25 4.02 7.12 2.58
N SER A 26 4.24 8.40 2.34
CA SER A 26 3.15 9.38 2.37
C SER A 26 2.13 9.08 1.27
N SER A 27 2.63 8.71 0.09
CA SER A 27 1.76 8.39 -1.04
C SER A 27 0.87 7.20 -0.73
N LEU A 28 1.46 6.17 -0.12
CA LEU A 28 0.71 4.97 0.23
C LEU A 28 -0.28 5.25 1.35
N ARG A 29 0.19 5.90 2.41
CA ARG A 29 -0.66 6.23 3.55
C ARG A 29 -1.95 6.92 3.08
N LEU A 30 -1.79 7.87 2.16
CA LEU A 30 -2.93 8.61 1.63
C LEU A 30 -3.75 7.75 0.67
N HIS A 31 -3.06 7.04 -0.21
CA HIS A 31 -3.72 6.18 -1.19
C HIS A 31 -4.61 5.17 -0.48
N GLN A 32 -4.19 4.72 0.70
CA GLN A 32 -4.95 3.74 1.46
C GLN A 32 -6.36 4.24 1.73
N ASN A 33 -6.59 5.52 1.48
CA ASN A 33 -7.90 6.12 1.69
C ASN A 33 -8.79 5.92 0.46
N VAL A 34 -8.45 4.94 -0.35
CA VAL A 34 -9.21 4.63 -1.55
C VAL A 34 -9.86 3.24 -1.45
N HIS A 35 -9.16 2.32 -0.82
CA HIS A 35 -9.65 0.95 -0.67
C HIS A 35 -10.76 0.90 0.40
N VAL A 36 -10.81 1.93 1.24
CA VAL A 36 -11.81 2.00 2.30
C VAL A 36 -13.06 2.73 1.82
N GLY A 37 -13.20 2.86 0.51
CA GLY A 37 -14.36 3.54 -0.04
C GLY A 37 -15.64 2.76 0.17
N GLU A 38 -15.59 1.46 -0.04
CA GLU A 38 -16.76 0.60 0.13
C GLU A 38 -17.08 0.42 1.62
N LYS A 39 -18.28 -0.08 1.89
CA LYS A 39 -18.72 -0.30 3.26
C LYS A 39 -17.55 -0.74 4.14
N PRO A 40 -17.31 0.00 5.23
CA PRO A 40 -16.22 -0.31 6.17
C PRO A 40 -16.49 -1.57 6.98
N SER A 41 -15.43 -2.27 7.33
CA SER A 41 -15.54 -3.50 8.11
C SER A 41 -15.57 -3.21 9.60
N GLY A 42 -16.29 -2.16 9.97
CA GLY A 42 -16.40 -1.79 11.37
C GLY A 42 -17.77 -2.07 11.95
N PRO A 43 -18.72 -1.16 11.72
CA PRO A 43 -20.09 -1.29 12.21
C PRO A 43 -20.84 -2.42 11.51
N SER A 44 -21.51 -3.25 12.29
CA SER A 44 -22.28 -4.38 11.75
C SER A 44 -21.44 -5.18 10.76
N SER A 45 -20.16 -5.35 11.10
CA SER A 45 -19.24 -6.10 10.24
C SER A 45 -18.76 -7.36 10.94
N GLY A 46 -18.80 -8.48 10.23
CA GLY A 46 -18.35 -9.74 10.79
C GLY A 46 -16.86 -9.94 10.69
N GLY A 1 10.52 -20.57 2.72
CA GLY A 1 11.80 -19.98 3.07
C GLY A 1 12.41 -19.19 1.92
N SER A 2 11.88 -18.00 1.68
CA SER A 2 12.36 -17.14 0.60
C SER A 2 13.52 -16.28 1.08
N SER A 3 14.33 -15.81 0.13
CA SER A 3 15.48 -14.97 0.46
C SER A 3 15.77 -13.99 -0.68
N GLY A 4 16.64 -13.02 -0.41
CA GLY A 4 17.00 -12.03 -1.41
C GLY A 4 17.19 -10.65 -0.82
N SER A 5 18.41 -10.13 -0.91
CA SER A 5 18.72 -8.82 -0.37
C SER A 5 20.10 -8.36 -0.82
N SER A 6 20.14 -7.30 -1.62
CA SER A 6 21.40 -6.77 -2.12
C SER A 6 22.18 -6.07 -1.00
N GLY A 7 21.56 -5.07 -0.39
CA GLY A 7 22.20 -4.34 0.68
C GLY A 7 21.65 -4.70 2.04
N MET A 8 21.10 -3.71 2.73
CA MET A 8 20.53 -3.93 4.07
C MET A 8 19.00 -3.90 4.01
N GLY A 9 18.45 -2.78 3.54
CA GLY A 9 17.01 -2.63 3.46
C GLY A 9 16.56 -2.03 2.14
N GLU A 10 15.36 -2.37 1.71
CA GLU A 10 14.83 -1.85 0.45
C GLU A 10 13.41 -1.32 0.65
N LYS A 11 13.29 -0.03 0.94
CA LYS A 11 11.99 0.60 1.15
C LYS A 11 11.00 0.16 0.08
N THR A 12 9.78 -0.18 0.50
CA THR A 12 8.74 -0.61 -0.41
C THR A 12 7.36 -0.48 0.21
N TRP A 13 6.60 0.52 -0.25
CA TRP A 13 5.25 0.75 0.27
C TRP A 13 4.20 0.44 -0.78
N LYS A 14 4.27 -0.77 -1.34
CA LYS A 14 3.32 -1.20 -2.36
C LYS A 14 2.01 -1.68 -1.73
N CYS A 15 0.97 -1.76 -2.53
CA CYS A 15 -0.33 -2.21 -2.05
C CYS A 15 -0.60 -3.66 -2.48
N ARG A 16 -0.82 -4.53 -1.49
CA ARG A 16 -1.09 -5.93 -1.76
C ARG A 16 -2.56 -6.15 -2.08
N GLU A 17 -3.25 -5.09 -2.47
CA GLU A 17 -4.67 -5.17 -2.80
C GLU A 17 -4.90 -4.84 -4.27
N CYS A 18 -4.45 -3.66 -4.69
CA CYS A 18 -4.60 -3.23 -6.08
C CYS A 18 -3.36 -3.56 -6.89
N ASP A 19 -2.29 -3.94 -6.20
CA ASP A 19 -1.04 -4.29 -6.87
C ASP A 19 -0.35 -3.04 -7.42
N MET A 20 -0.30 -1.99 -6.61
CA MET A 20 0.32 -0.73 -7.01
C MET A 20 1.47 -0.37 -6.08
N CYS A 21 2.69 -0.37 -6.62
CA CYS A 21 3.87 -0.04 -5.82
C CYS A 21 4.01 1.46 -5.66
N PHE A 22 4.38 1.88 -4.45
CA PHE A 22 4.55 3.30 -4.15
C PHE A 22 5.93 3.58 -3.56
N SER A 23 6.70 4.43 -4.23
CA SER A 23 8.03 4.78 -3.77
C SER A 23 7.98 5.93 -2.77
N GLN A 24 6.91 5.98 -1.99
CA GLN A 24 6.74 7.03 -0.99
C GLN A 24 5.76 6.60 0.09
N ALA A 25 6.27 6.40 1.30
CA ALA A 25 5.43 5.98 2.43
C ALA A 25 4.23 6.89 2.56
N SER A 26 4.47 8.19 2.70
CA SER A 26 3.39 9.17 2.85
C SER A 26 2.38 9.04 1.70
N SER A 27 2.90 8.88 0.48
CA SER A 27 2.04 8.76 -0.69
C SER A 27 1.06 7.60 -0.52
N LEU A 28 1.58 6.45 -0.10
CA LEU A 28 0.76 5.26 0.10
C LEU A 28 -0.29 5.51 1.19
N ARG A 29 0.16 6.03 2.33
CA ARG A 29 -0.74 6.30 3.44
C ARG A 29 -2.04 6.93 2.96
N LEU A 30 -1.93 7.90 2.06
CA LEU A 30 -3.10 8.58 1.51
C LEU A 30 -3.84 7.68 0.54
N HIS A 31 -3.11 7.09 -0.40
CA HIS A 31 -3.71 6.20 -1.39
C HIS A 31 -4.59 5.15 -0.72
N GLN A 32 -4.08 4.57 0.37
CA GLN A 32 -4.82 3.55 1.10
C GLN A 32 -6.24 4.02 1.40
N ASN A 33 -6.45 5.33 1.36
CA ASN A 33 -7.76 5.91 1.63
C ASN A 33 -8.79 5.42 0.60
N VAL A 34 -8.30 4.74 -0.43
CA VAL A 34 -9.17 4.22 -1.47
C VAL A 34 -9.71 2.83 -1.11
N HIS A 35 -9.05 2.19 -0.15
CA HIS A 35 -9.46 0.86 0.29
C HIS A 35 -10.06 0.92 1.69
N VAL A 36 -10.83 1.97 1.95
CA VAL A 36 -11.47 2.14 3.25
C VAL A 36 -12.95 2.49 3.09
N GLY A 37 -13.81 1.52 3.40
CA GLY A 37 -15.24 1.75 3.27
C GLY A 37 -15.77 1.42 1.90
N GLU A 38 -15.79 0.13 1.56
CA GLU A 38 -16.27 -0.31 0.25
C GLU A 38 -17.79 -0.50 0.27
N LYS A 39 -18.31 -0.90 1.43
CA LYS A 39 -19.75 -1.11 1.58
C LYS A 39 -20.36 -0.07 2.52
N PRO A 40 -20.66 1.11 1.97
CA PRO A 40 -21.26 2.21 2.74
C PRO A 40 -22.69 1.92 3.14
N SER A 41 -22.94 1.85 4.45
CA SER A 41 -24.27 1.57 4.97
C SER A 41 -25.28 2.57 4.41
N GLY A 42 -25.94 2.20 3.31
CA GLY A 42 -26.92 3.07 2.70
C GLY A 42 -26.30 4.28 2.05
N PRO A 43 -25.83 4.13 0.80
CA PRO A 43 -25.21 5.21 0.05
C PRO A 43 -26.20 6.29 -0.36
N SER A 44 -27.45 6.13 0.07
CA SER A 44 -28.49 7.10 -0.25
C SER A 44 -28.77 7.12 -1.75
N SER A 45 -28.80 5.94 -2.36
CA SER A 45 -29.06 5.82 -3.78
C SER A 45 -30.51 6.21 -4.11
N GLY A 46 -31.40 5.99 -3.15
CA GLY A 46 -32.80 6.32 -3.35
C GLY A 46 -33.70 5.11 -3.23
N GLY A 1 27.82 -19.42 1.44
CA GLY A 1 28.21 -20.20 2.59
C GLY A 1 28.89 -19.36 3.66
N SER A 2 29.00 -19.91 4.87
CA SER A 2 29.63 -19.19 5.97
C SER A 2 29.24 -17.71 5.95
N SER A 3 27.98 -17.44 5.69
CA SER A 3 27.48 -16.07 5.65
C SER A 3 26.67 -15.74 6.90
N GLY A 4 26.28 -14.48 7.02
CA GLY A 4 25.49 -14.06 8.17
C GLY A 4 25.04 -12.61 8.06
N SER A 5 24.23 -12.33 7.05
CA SER A 5 23.72 -10.98 6.85
C SER A 5 22.21 -10.91 7.07
N SER A 6 21.81 -10.79 8.33
CA SER A 6 20.39 -10.72 8.68
C SER A 6 20.08 -9.42 9.38
N GLY A 7 19.92 -8.34 8.61
CA GLY A 7 19.61 -7.05 9.18
C GLY A 7 19.42 -5.98 8.12
N MET A 8 18.77 -6.35 7.02
CA MET A 8 18.53 -5.41 5.93
C MET A 8 17.08 -5.49 5.46
N GLY A 9 16.69 -4.56 4.59
CA GLY A 9 15.33 -4.54 4.08
C GLY A 9 15.10 -3.42 3.09
N GLU A 10 14.91 -3.77 1.83
CA GLU A 10 14.67 -2.78 0.78
C GLU A 10 13.33 -2.08 0.99
N LYS A 11 13.34 -0.76 0.82
CA LYS A 11 12.12 0.03 1.00
C LYS A 11 11.08 -0.36 -0.04
N THR A 12 9.81 -0.32 0.36
CA THR A 12 8.71 -0.66 -0.53
C THR A 12 7.36 -0.35 0.10
N TRP A 13 6.58 0.49 -0.57
CA TRP A 13 5.26 0.88 -0.07
C TRP A 13 4.16 0.49 -1.06
N LYS A 14 4.12 -0.79 -1.41
CA LYS A 14 3.11 -1.29 -2.35
C LYS A 14 1.73 -1.30 -1.71
N CYS A 15 0.71 -1.40 -2.55
CA CYS A 15 -0.68 -1.43 -2.06
C CYS A 15 -1.16 -2.86 -1.86
N ARG A 16 -1.79 -3.12 -0.72
CA ARG A 16 -2.29 -4.44 -0.41
C ARG A 16 -3.69 -4.64 -0.99
N GLU A 17 -4.03 -3.85 -2.01
CA GLU A 17 -5.33 -3.93 -2.64
C GLU A 17 -5.18 -4.07 -4.15
N CYS A 18 -4.63 -3.05 -4.80
CA CYS A 18 -4.43 -3.07 -6.23
C CYS A 18 -3.04 -3.59 -6.59
N ASP A 19 -2.15 -3.61 -5.60
CA ASP A 19 -0.80 -4.09 -5.81
C ASP A 19 0.04 -3.05 -6.56
N MET A 20 -0.07 -1.80 -6.15
CA MET A 20 0.67 -0.71 -6.79
C MET A 20 1.86 -0.29 -5.94
N CYS A 21 3.05 -0.36 -6.53
CA CYS A 21 4.28 0.01 -5.82
C CYS A 21 4.38 1.53 -5.69
N PHE A 22 4.70 1.99 -4.47
CA PHE A 22 4.83 3.42 -4.22
C PHE A 22 6.17 3.73 -3.55
N SER A 23 6.94 4.63 -4.16
CA SER A 23 8.24 5.01 -3.63
C SER A 23 8.10 6.12 -2.59
N GLN A 24 6.96 6.13 -1.91
CA GLN A 24 6.70 7.15 -0.89
C GLN A 24 5.65 6.66 0.11
N ALA A 25 6.11 6.29 1.30
CA ALA A 25 5.21 5.80 2.35
C ALA A 25 3.94 6.64 2.41
N SER A 26 4.10 7.95 2.53
CA SER A 26 2.95 8.85 2.60
C SER A 26 2.03 8.66 1.41
N SER A 27 2.61 8.64 0.21
CA SER A 27 1.84 8.46 -1.02
C SER A 27 0.91 7.25 -0.90
N LEU A 28 1.43 6.17 -0.34
CA LEU A 28 0.65 4.95 -0.17
C LEU A 28 -0.39 5.12 0.93
N ARG A 29 0.02 5.68 2.05
CA ARG A 29 -0.88 5.90 3.17
C ARG A 29 -2.18 6.57 2.71
N LEU A 30 -2.05 7.67 1.98
CA LEU A 30 -3.21 8.38 1.47
C LEU A 30 -3.92 7.60 0.37
N HIS A 31 -3.12 6.96 -0.49
CA HIS A 31 -3.67 6.17 -1.58
C HIS A 31 -4.22 4.84 -1.07
N GLN A 32 -4.04 4.60 0.22
CA GLN A 32 -4.51 3.36 0.84
C GLN A 32 -5.96 3.50 1.29
N ASN A 33 -6.31 4.66 1.82
CA ASN A 33 -7.66 4.93 2.29
C ASN A 33 -8.65 4.95 1.12
N VAL A 34 -8.20 5.49 -0.01
CA VAL A 34 -9.03 5.57 -1.20
C VAL A 34 -9.87 4.30 -1.38
N HIS A 35 -9.25 3.15 -1.11
CA HIS A 35 -9.93 1.86 -1.23
C HIS A 35 -10.87 1.64 -0.05
N VAL A 36 -10.34 1.79 1.16
CA VAL A 36 -11.13 1.60 2.38
C VAL A 36 -12.19 2.68 2.51
N GLY A 37 -13.46 2.29 2.41
CA GLY A 37 -14.55 3.24 2.53
C GLY A 37 -15.79 2.79 1.80
N GLU A 38 -16.89 2.66 2.54
CA GLU A 38 -18.16 2.23 1.95
C GLU A 38 -19.34 2.69 2.79
N LYS A 39 -20.39 3.16 2.13
CA LYS A 39 -21.58 3.64 2.82
C LYS A 39 -22.76 2.70 2.57
N PRO A 40 -23.45 2.31 3.65
CA PRO A 40 -24.61 1.42 3.57
C PRO A 40 -25.81 2.10 2.93
N SER A 41 -26.29 1.53 1.82
CA SER A 41 -27.44 2.08 1.12
C SER A 41 -28.75 1.61 1.75
N GLY A 42 -28.70 1.31 3.05
CA GLY A 42 -29.89 0.84 3.74
C GLY A 42 -30.75 1.99 4.23
N PRO A 43 -30.37 2.59 5.36
CA PRO A 43 -31.11 3.71 5.95
C PRO A 43 -31.00 4.98 5.12
N SER A 44 -31.80 5.06 4.06
CA SER A 44 -31.79 6.22 3.18
C SER A 44 -30.39 6.83 3.09
N SER A 45 -29.40 5.99 2.84
CA SER A 45 -28.01 6.44 2.74
C SER A 45 -27.76 7.61 3.69
N GLY A 46 -28.11 7.42 4.96
CA GLY A 46 -27.91 8.46 5.95
C GLY A 46 -26.44 8.80 6.13
N GLY A 1 29.75 -15.16 10.89
CA GLY A 1 28.31 -15.04 10.90
C GLY A 1 27.86 -13.62 11.18
N SER A 2 27.21 -13.00 10.19
CA SER A 2 26.72 -11.62 10.34
C SER A 2 25.72 -11.28 9.25
N SER A 3 24.63 -10.63 9.63
CA SER A 3 23.60 -10.24 8.68
C SER A 3 23.88 -8.86 8.10
N GLY A 4 23.94 -8.78 6.78
CA GLY A 4 24.21 -7.51 6.13
C GLY A 4 23.04 -6.55 6.24
N SER A 5 22.90 -5.93 7.42
CA SER A 5 21.82 -4.99 7.66
C SER A 5 22.20 -3.59 7.18
N SER A 6 21.21 -2.84 6.69
CA SER A 6 21.45 -1.50 6.20
C SER A 6 20.87 -0.46 7.15
N GLY A 7 19.63 -0.69 7.59
CA GLY A 7 18.98 0.23 8.50
C GLY A 7 17.60 0.65 8.03
N MET A 8 17.53 1.24 6.84
CA MET A 8 16.26 1.68 6.29
C MET A 8 15.51 0.52 5.65
N GLY A 9 14.21 0.69 5.44
CA GLY A 9 13.41 -0.35 4.84
C GLY A 9 13.90 -0.76 3.48
N GLU A 10 13.01 -1.34 2.67
CA GLU A 10 13.37 -1.78 1.32
C GLU A 10 12.83 -0.82 0.28
N LYS A 11 12.73 0.45 0.63
CA LYS A 11 12.22 1.47 -0.27
C LYS A 11 11.13 0.90 -1.18
N THR A 12 10.22 0.14 -0.57
CA THR A 12 9.12 -0.47 -1.32
C THR A 12 7.81 -0.40 -0.54
N TRP A 13 6.84 0.32 -1.09
CA TRP A 13 5.54 0.47 -0.44
C TRP A 13 4.41 0.02 -1.36
N LYS A 14 4.14 -1.27 -1.39
CA LYS A 14 3.09 -1.83 -2.22
C LYS A 14 1.75 -1.81 -1.50
N CYS A 15 0.67 -1.90 -2.26
CA CYS A 15 -0.68 -1.90 -1.70
C CYS A 15 -1.27 -3.30 -1.69
N ARG A 16 -1.74 -3.73 -0.52
CA ARG A 16 -2.33 -5.05 -0.39
C ARG A 16 -3.81 -5.04 -0.78
N GLU A 17 -4.14 -4.17 -1.73
CA GLU A 17 -5.53 -4.06 -2.20
C GLU A 17 -5.59 -4.06 -3.72
N CYS A 18 -4.67 -3.33 -4.34
CA CYS A 18 -4.61 -3.26 -5.81
C CYS A 18 -3.23 -3.65 -6.32
N ASP A 19 -2.27 -3.77 -5.41
CA ASP A 19 -0.91 -4.15 -5.77
C ASP A 19 -0.20 -2.99 -6.49
N MET A 20 -0.19 -1.83 -5.86
CA MET A 20 0.46 -0.65 -6.45
C MET A 20 1.69 -0.26 -5.65
N CYS A 21 2.83 -0.17 -6.33
CA CYS A 21 4.08 0.20 -5.68
C CYS A 21 4.21 1.71 -5.57
N PHE A 22 4.77 2.18 -4.45
CA PHE A 22 4.94 3.60 -4.21
C PHE A 22 6.34 3.90 -3.68
N SER A 23 6.97 4.93 -4.22
CA SER A 23 8.31 5.31 -3.80
C SER A 23 8.29 5.95 -2.41
N GLN A 24 7.24 6.74 -2.15
CA GLN A 24 7.10 7.40 -0.87
C GLN A 24 6.13 6.64 0.04
N ALA A 25 6.35 6.72 1.34
CA ALA A 25 5.50 6.04 2.31
C ALA A 25 4.20 6.80 2.51
N SER A 26 4.30 8.08 2.82
CA SER A 26 3.13 8.92 3.05
C SER A 26 2.15 8.80 1.88
N SER A 27 2.68 8.87 0.67
CA SER A 27 1.85 8.77 -0.53
C SER A 27 1.01 7.51 -0.51
N LEU A 28 1.61 6.39 -0.09
CA LEU A 28 0.92 5.11 -0.02
C LEU A 28 -0.16 5.15 1.04
N ARG A 29 0.23 5.45 2.27
CA ARG A 29 -0.70 5.52 3.39
C ARG A 29 -2.01 6.18 2.97
N LEU A 30 -1.90 7.34 2.35
CA LEU A 30 -3.08 8.08 1.89
C LEU A 30 -3.73 7.37 0.71
N HIS A 31 -2.92 6.88 -0.21
CA HIS A 31 -3.43 6.18 -1.39
C HIS A 31 -4.38 5.06 -0.97
N GLN A 32 -4.25 4.60 0.26
CA GLN A 32 -5.10 3.54 0.77
C GLN A 32 -6.43 4.09 1.30
N ASN A 33 -6.84 5.23 0.74
CA ASN A 33 -8.09 5.85 1.15
C ASN A 33 -9.22 5.50 0.20
N VAL A 34 -8.88 5.34 -1.08
CA VAL A 34 -9.87 5.00 -2.10
C VAL A 34 -10.48 3.63 -1.84
N HIS A 35 -9.64 2.70 -1.37
CA HIS A 35 -10.10 1.35 -1.06
C HIS A 35 -10.95 1.32 0.20
N VAL A 36 -10.34 1.70 1.32
CA VAL A 36 -11.05 1.73 2.60
C VAL A 36 -12.23 2.68 2.55
N GLY A 37 -12.16 3.67 1.66
CA GLY A 37 -13.24 4.63 1.53
C GLY A 37 -14.61 3.98 1.56
N GLU A 38 -14.96 3.30 0.47
CA GLU A 38 -16.25 2.63 0.38
C GLU A 38 -16.66 2.04 1.74
N LYS A 39 -17.85 2.41 2.20
CA LYS A 39 -18.36 1.92 3.48
C LYS A 39 -18.64 0.43 3.41
N PRO A 40 -17.86 -0.36 4.18
CA PRO A 40 -18.02 -1.82 4.22
C PRO A 40 -19.31 -2.24 4.91
N SER A 41 -19.46 -3.54 5.14
CA SER A 41 -20.64 -4.08 5.79
C SER A 41 -20.32 -4.56 7.20
N GLY A 42 -19.53 -3.77 7.92
CA GLY A 42 -19.16 -4.12 9.27
C GLY A 42 -19.48 -3.03 10.27
N PRO A 43 -18.45 -2.37 10.79
CA PRO A 43 -18.60 -1.29 11.76
C PRO A 43 -19.22 -0.03 11.15
N SER A 44 -20.24 0.50 11.81
CA SER A 44 -20.92 1.70 11.33
C SER A 44 -21.70 2.37 12.45
N SER A 45 -21.53 3.68 12.58
CA SER A 45 -22.21 4.44 13.63
C SER A 45 -23.54 4.99 13.12
N GLY A 46 -24.58 4.16 13.19
CA GLY A 46 -25.89 4.58 12.73
C GLY A 46 -26.14 4.21 11.28
#